data_5GG4
#
_entry.id   5GG4
#
_cell.length_a   162.195
_cell.length_b   99.965
_cell.length_c   124.299
_cell.angle_alpha   90.000
_cell.angle_beta   95.540
_cell.angle_gamma   90.000
#
_symmetry.space_group_name_H-M   'C 1 2 1'
#
loop_
_entity.id
_entity.type
_entity.pdbx_description
1 polymer 'Ubiquitin carboxyl-terminal hydrolase 7'
2 polymer 'Peptide from E3 ubiquitin-protein ligase RNF169'
#
loop_
_entity_poly.entity_id
_entity_poly.type
_entity_poly.pdbx_seq_one_letter_code
_entity_poly.pdbx_strand_id
1 'polypeptide(L)'
;SHMEAHLYMQVQIVAEDQFCGHQGNDMYDEEKVKYTVFKVLKNSSLAEFVQSLSQTMGFPQDQIRLWPMQARSNGTKRPA
MLDNEADGNKTMIELSDNENPWTIFLETVDPELAASGATLPKFDKDHDVMLFLKMYDPKTRSLNYCGHIYTPISCKIRDL
LPVMCDRAGFIQDTSLILYEEVKPNLTERIQDYDVSLDKALDELMDGDIIVFQKDDPENDNSELPTAKEYFRDLYHRVDV
IFCDKTIPNDPGFVVTLSNRMNYFQVAKTVAQRLNTDPMLLQFFKSQGYRDGPGNPLRHNYEGTLRDLLQFFKPRQPKKL
YYQQLKMKITDFEN
;
A,B,C,D
2 'polypeptide(L)' RGRKRHCKTKHLE E,F,G,H
#
# COMPACT_ATOMS: atom_id res chain seq x y z
N HIS A 6 2.02 16.73 41.87
CA HIS A 6 0.63 16.30 42.22
C HIS A 6 0.39 14.85 41.77
N LEU A 7 -0.76 14.30 42.10
CA LEU A 7 -1.05 12.88 41.83
C LEU A 7 -2.04 12.70 40.66
N TYR A 8 -1.88 13.55 39.64
CA TYR A 8 -2.70 13.49 38.44
C TYR A 8 -1.80 13.52 37.20
N MET A 9 -2.22 12.83 36.14
CA MET A 9 -1.52 12.82 34.86
C MET A 9 -2.46 13.11 33.70
N GLN A 10 -1.91 13.71 32.66
CA GLN A 10 -2.65 14.00 31.43
C GLN A 10 -2.56 12.80 30.49
N VAL A 11 -3.69 12.48 29.86
CA VAL A 11 -3.71 11.43 28.87
C VAL A 11 -4.44 11.94 27.62
N GLN A 12 -3.68 12.14 26.56
CA GLN A 12 -4.18 12.74 25.33
C GLN A 12 -4.52 11.64 24.35
N ILE A 13 -5.78 11.59 23.93
CA ILE A 13 -6.23 10.65 22.92
C ILE A 13 -6.16 11.34 21.58
N VAL A 14 -5.72 10.59 20.56
CA VAL A 14 -5.71 11.05 19.17
C VAL A 14 -6.41 10.00 18.33
N ALA A 15 -7.29 10.44 17.45
CA ALA A 15 -8.16 9.53 16.68
C ALA A 15 -7.72 9.47 15.25
N GLU A 16 -7.93 8.31 14.63
CA GLU A 16 -7.43 8.04 13.28
C GLU A 16 -7.79 9.12 12.25
N ASP A 17 -8.87 9.88 12.49
CA ASP A 17 -9.22 11.00 11.61
C ASP A 17 -8.14 12.10 11.59
N GLN A 18 -7.27 12.12 12.59
CA GLN A 18 -6.20 13.08 12.64
C GLN A 18 -5.02 12.72 11.75
N PHE A 19 -4.96 11.47 11.28
CA PHE A 19 -3.88 11.05 10.39
C PHE A 19 -4.13 11.43 8.94
N CYS A 20 -5.38 11.74 8.60
CA CYS A 20 -5.73 12.08 7.22
C CYS A 20 -5.13 13.41 6.78
N GLY A 21 -4.56 13.42 5.59
CA GLY A 21 -3.94 14.63 5.04
C GLY A 21 -2.54 14.92 5.54
N HIS A 22 -2.06 14.17 6.52
CA HIS A 22 -0.72 14.37 7.05
C HIS A 22 0.29 14.16 5.93
N GLN A 23 1.21 15.11 5.80
CA GLN A 23 2.11 15.18 4.66
C GLN A 23 3.58 14.96 5.05
N GLY A 24 3.82 14.23 6.14
CA GLY A 24 5.17 14.04 6.67
C GLY A 24 5.37 12.67 7.29
N ASN A 25 6.46 12.51 8.02
CA ASN A 25 6.79 11.22 8.64
C ASN A 25 5.91 10.92 9.85
N ASP A 26 5.79 9.63 10.15
CA ASP A 26 4.90 9.12 11.20
C ASP A 26 3.45 9.44 10.86
N MET A 27 2.52 9.21 11.78
CA MET A 27 1.10 9.34 11.44
C MET A 27 0.54 10.74 11.43
N TYR A 28 1.06 11.62 12.28
CA TYR A 28 0.53 12.97 12.42
C TYR A 28 1.61 13.94 12.88
N ASP A 29 1.38 15.23 12.68
CA ASP A 29 2.24 16.27 13.22
C ASP A 29 1.92 16.43 14.69
N GLU A 30 2.90 16.22 15.56
CA GLU A 30 2.67 16.27 17.00
C GLU A 30 2.14 17.63 17.48
N GLU A 31 2.61 18.68 16.83
CA GLU A 31 2.28 20.05 17.21
C GLU A 31 0.89 20.45 16.72
N LYS A 32 0.58 20.12 15.48
CA LYS A 32 -0.61 20.64 14.81
C LYS A 32 -1.86 19.77 14.94
N VAL A 33 -1.72 18.59 15.53
CA VAL A 33 -2.85 17.68 15.70
C VAL A 33 -3.74 18.10 16.89
N LYS A 34 -5.00 17.69 16.88
CA LYS A 34 -5.93 17.98 17.98
C LYS A 34 -6.19 16.73 18.82
N TYR A 35 -6.10 16.90 20.15
CA TYR A 35 -6.26 15.79 21.10
C TYR A 35 -7.54 15.91 21.93
N THR A 36 -8.08 14.77 22.37
CA THR A 36 -9.05 14.73 23.46
C THR A 36 -8.27 14.43 24.72
N VAL A 37 -8.31 15.35 25.68
CA VAL A 37 -7.49 15.25 26.88
C VAL A 37 -8.30 14.74 28.07
N PHE A 38 -7.69 13.82 28.81
CA PHE A 38 -8.28 13.26 30.02
C PHE A 38 -7.32 13.50 31.17
N LYS A 39 -7.87 13.85 32.33
CA LYS A 39 -7.09 14.04 33.53
C LYS A 39 -7.40 12.87 34.44
N VAL A 40 -6.38 12.08 34.77
CA VAL A 40 -6.58 10.84 35.54
C VAL A 40 -5.62 10.72 36.70
N LEU A 41 -6.09 10.10 37.79
CA LEU A 41 -5.23 9.74 38.91
C LEU A 41 -4.10 8.85 38.40
N LYS A 42 -2.87 9.17 38.78
CA LYS A 42 -1.72 8.38 38.38
C LYS A 42 -1.87 6.91 38.78
N ASN A 43 -2.59 6.66 39.87
CA ASN A 43 -2.81 5.30 40.37
C ASN A 43 -4.03 4.59 39.81
N SER A 44 -4.71 5.19 38.84
CA SER A 44 -5.92 4.59 38.28
C SER A 44 -5.66 3.20 37.71
N SER A 45 -6.72 2.41 37.61
CA SER A 45 -6.69 1.22 36.79
C SER A 45 -6.81 1.67 35.34
N LEU A 46 -6.42 0.79 34.42
CA LEU A 46 -6.69 1.00 33.00
C LEU A 46 -8.19 0.85 32.78
N ALA A 47 -8.78 -0.16 33.41
CA ALA A 47 -10.22 -0.41 33.38
C ALA A 47 -11.01 0.88 33.58
N GLU A 48 -10.64 1.64 34.60
CA GLU A 48 -11.34 2.90 34.91
C GLU A 48 -11.24 3.89 33.77
N PHE A 49 -10.05 3.98 33.18
CA PHE A 49 -9.84 4.87 32.06
C PHE A 49 -10.68 4.46 30.86
N VAL A 50 -10.68 3.17 30.55
CA VAL A 50 -11.49 2.65 29.44
C VAL A 50 -12.97 2.98 29.67
N GLN A 51 -13.41 2.88 30.94
CA GLN A 51 -14.78 3.20 31.29
C GLN A 51 -15.11 4.66 31.00
N SER A 52 -14.25 5.58 31.48
CA SER A 52 -14.50 7.01 31.31
C SER A 52 -14.29 7.44 29.85
N LEU A 53 -13.29 6.85 29.19
CA LEU A 53 -13.07 7.08 27.76
C LEU A 53 -14.27 6.57 26.95
N SER A 54 -14.75 5.38 27.29
CA SER A 54 -15.95 4.83 26.66
C SER A 54 -17.14 5.78 26.85
N GLN A 55 -17.29 6.32 28.05
CA GLN A 55 -18.36 7.26 28.35
C GLN A 55 -18.22 8.53 27.51
N THR A 56 -17.01 9.11 27.53
CA THR A 56 -16.77 10.42 26.90
C THR A 56 -16.78 10.35 25.38
N MET A 57 -15.94 9.48 24.82
CA MET A 57 -15.77 9.38 23.36
C MET A 57 -17.04 8.85 22.67
N GLY A 58 -17.82 8.06 23.40
CA GLY A 58 -19.08 7.54 22.89
C GLY A 58 -18.89 6.24 22.14
N PHE A 59 -18.18 5.30 22.75
CA PHE A 59 -17.97 3.96 22.18
C PHE A 59 -17.99 2.92 23.30
N PRO A 60 -18.60 1.76 23.06
CA PRO A 60 -18.53 0.68 24.03
C PRO A 60 -17.12 0.16 24.19
N GLN A 61 -16.79 -0.38 25.35
CA GLN A 61 -15.44 -0.88 25.62
C GLN A 61 -14.97 -1.95 24.62
N ASP A 62 -15.92 -2.68 24.04
CA ASP A 62 -15.62 -3.74 23.06
C ASP A 62 -15.36 -3.24 21.63
N GLN A 63 -15.69 -1.97 21.36
CA GLN A 63 -15.49 -1.41 20.03
C GLN A 63 -14.23 -0.53 19.94
N ILE A 64 -13.42 -0.51 21.00
CA ILE A 64 -12.23 0.36 21.02
C ILE A 64 -10.96 -0.43 21.30
N ARG A 65 -9.82 0.14 20.92
CA ARG A 65 -8.50 -0.47 21.17
C ARG A 65 -7.41 0.59 21.35
N LEU A 66 -6.63 0.48 22.43
CA LEU A 66 -5.62 1.50 22.75
C LEU A 66 -4.24 1.14 22.23
N TRP A 67 -3.60 2.07 21.54
CA TRP A 67 -2.24 1.87 21.05
C TRP A 67 -1.42 3.05 21.54
N PRO A 68 -0.78 2.92 22.71
CA PRO A 68 -0.02 4.04 23.21
C PRO A 68 1.07 4.49 22.24
N MET A 69 1.13 5.80 22.03
CA MET A 69 2.16 6.43 21.24
C MET A 69 3.46 6.35 22.00
N GLN A 70 4.53 6.07 21.28
CA GLN A 70 5.82 5.72 21.86
C GLN A 70 6.94 6.39 21.07
N ALA A 71 7.58 7.38 21.67
CA ALA A 71 8.71 8.07 21.03
C ALA A 71 9.95 7.19 21.07
N ARG A 72 10.63 7.09 19.94
CA ARG A 72 11.71 6.14 19.76
C ARG A 72 13.01 6.89 19.60
N SER A 73 14.13 6.20 19.84
CA SER A 73 15.45 6.78 19.69
C SER A 73 15.93 6.79 18.25
N ASN A 74 15.20 6.10 17.37
CA ASN A 74 15.44 6.16 15.93
C ASN A 74 14.81 7.40 15.29
N GLY A 75 14.14 8.23 16.08
CA GLY A 75 13.62 9.50 15.59
C GLY A 75 12.18 9.45 15.12
N THR A 76 11.40 8.52 15.65
CA THR A 76 10.01 8.35 15.26
C THR A 76 9.12 8.19 16.49
N LYS A 77 7.85 8.52 16.32
CA LYS A 77 6.83 8.26 17.34
C LYS A 77 5.75 7.44 16.68
N ARG A 78 5.43 6.30 17.27
CA ARG A 78 4.54 5.33 16.63
C ARG A 78 3.58 4.68 17.64
N PRO A 79 2.41 4.23 17.17
CA PRO A 79 1.55 3.44 18.03
C PRO A 79 2.24 2.17 18.48
N ALA A 80 1.93 1.71 19.69
CA ALA A 80 2.55 0.50 20.21
C ALA A 80 1.54 -0.37 20.94
N MET A 81 1.85 -1.65 21.06
CA MET A 81 1.01 -2.57 21.81
C MET A 81 1.00 -2.18 23.28
N LEU A 82 -0.19 -2.12 23.86
CA LEU A 82 -0.34 -1.93 25.30
C LEU A 82 0.52 -2.93 26.07
N ASP A 83 1.17 -2.45 27.12
CA ASP A 83 2.05 -3.28 27.94
C ASP A 83 1.26 -4.28 28.79
N ASN A 84 0.13 -3.86 29.33
CA ASN A 84 -0.60 -4.61 30.37
C ASN A 84 -0.48 -6.14 30.26
N GLU A 85 0.14 -6.76 31.26
CA GLU A 85 0.14 -8.21 31.43
C GLU A 85 -1.24 -8.59 31.99
N ALA A 86 -2.25 -8.52 31.12
CA ALA A 86 -3.68 -8.52 31.49
C ALA A 86 -4.02 -9.24 32.81
N ASP A 87 -4.08 -8.52 33.93
CA ASP A 87 -3.74 -7.08 34.04
C ASP A 87 -3.33 -6.77 35.48
N GLY A 88 -2.28 -7.45 35.94
CA GLY A 88 -1.84 -7.40 37.34
C GLY A 88 -1.66 -6.01 37.91
N ASN A 89 -2.74 -5.48 38.49
CA ASN A 89 -2.79 -4.09 38.97
C ASN A 89 -2.43 -3.10 37.86
N LYS A 90 -1.14 -2.80 37.70
CA LYS A 90 -0.66 -1.89 36.65
C LYS A 90 -1.38 -0.54 36.69
N THR A 91 -0.81 0.42 37.42
CA THR A 91 -1.37 1.77 37.47
C THR A 91 -1.10 2.49 36.15
N MET A 92 -1.89 3.52 35.85
CA MET A 92 -1.73 4.27 34.60
C MET A 92 -0.33 4.86 34.45
N ILE A 93 0.20 5.43 35.52
CA ILE A 93 1.55 6.00 35.49
C ILE A 93 2.63 4.90 35.31
N GLU A 94 2.35 3.69 35.78
CA GLU A 94 3.22 2.54 35.50
C GLU A 94 3.19 2.21 34.01
N LEU A 95 1.99 2.02 33.49
CA LEU A 95 1.75 1.76 32.06
C LEU A 95 2.37 2.77 31.09
N SER A 96 2.62 4.00 31.55
CA SER A 96 3.17 5.04 30.70
C SER A 96 4.70 5.23 30.88
N ASP A 97 5.31 4.41 31.72
CA ASP A 97 6.73 4.59 32.09
C ASP A 97 6.96 6.01 32.58
N ASN A 98 6.15 6.42 33.57
CA ASN A 98 6.24 7.75 34.19
C ASN A 98 6.11 8.94 33.22
N GLU A 99 5.59 8.69 32.01
CA GLU A 99 5.49 9.75 31.03
C GLU A 99 4.22 10.55 31.28
N ASN A 100 4.38 11.86 31.43
CA ASN A 100 3.27 12.77 31.61
C ASN A 100 3.53 14.04 30.78
N PRO A 101 2.65 14.35 29.82
CA PRO A 101 1.45 13.63 29.40
C PRO A 101 1.75 12.30 28.72
N TRP A 102 0.71 11.51 28.47
CA TRP A 102 0.83 10.21 27.82
C TRP A 102 -0.14 10.17 26.65
N THR A 103 0.38 10.09 25.43
CA THR A 103 -0.49 10.15 24.26
C THR A 103 -0.83 8.75 23.77
N ILE A 104 -2.08 8.55 23.35
CA ILE A 104 -2.57 7.22 22.99
C ILE A 104 -3.47 7.28 21.74
N PHE A 105 -3.09 6.53 20.72
CA PHE A 105 -3.93 6.37 19.54
C PHE A 105 -5.10 5.47 19.88
N LEU A 106 -6.29 5.92 19.51
CA LEU A 106 -7.52 5.26 19.88
C LEU A 106 -8.18 4.77 18.59
N GLU A 107 -8.42 3.47 18.53
CA GLU A 107 -8.99 2.85 17.35
C GLU A 107 -10.45 2.50 17.63
N THR A 108 -11.37 3.03 16.83
CA THR A 108 -12.79 2.74 16.98
C THR A 108 -13.20 1.87 15.80
N VAL A 109 -14.45 1.98 15.32
CA VAL A 109 -14.90 1.11 14.23
C VAL A 109 -15.75 1.80 13.15
N ASP A 110 -17.06 2.00 13.38
CA ASP A 110 -17.97 2.39 12.28
C ASP A 110 -17.70 3.82 11.75
N PRO A 111 -18.26 4.86 12.41
CA PRO A 111 -18.12 6.17 11.81
C PRO A 111 -16.86 6.89 12.30
N THR A 119 -18.22 -5.16 14.45
CA THR A 119 -17.38 -4.81 15.58
C THR A 119 -15.89 -4.90 15.23
N LEU A 120 -15.04 -4.49 16.18
CA LEU A 120 -13.59 -4.43 15.98
C LEU A 120 -13.02 -5.85 15.94
N PRO A 121 -12.11 -6.13 14.99
CA PRO A 121 -11.68 -7.50 14.78
C PRO A 121 -10.58 -7.93 15.75
N LYS A 122 -10.62 -9.20 16.15
CA LYS A 122 -9.67 -9.73 17.15
C LYS A 122 -8.25 -9.74 16.59
N PHE A 123 -7.29 -9.57 17.49
CA PHE A 123 -5.89 -9.35 17.14
C PHE A 123 -5.04 -10.19 18.08
N ASP A 124 -4.24 -11.10 17.52
CA ASP A 124 -3.40 -11.96 18.32
C ASP A 124 -2.09 -11.24 18.59
N LYS A 125 -1.95 -10.71 19.80
CA LYS A 125 -0.74 -10.03 20.24
C LYS A 125 0.56 -10.66 19.70
N ASP A 126 0.59 -11.99 19.62
CA ASP A 126 1.83 -12.70 19.24
C ASP A 126 2.01 -12.96 17.75
N HIS A 127 0.91 -13.21 17.02
CA HIS A 127 1.00 -13.67 15.63
C HIS A 127 0.50 -12.69 14.55
N ASP A 128 -0.16 -11.62 14.96
CA ASP A 128 -0.66 -10.63 14.03
C ASP A 128 0.09 -9.32 14.18
N VAL A 129 0.08 -8.52 13.11
CA VAL A 129 0.69 -7.21 13.12
C VAL A 129 -0.28 -6.17 12.56
N MET A 130 -0.24 -4.97 13.11
CA MET A 130 -0.98 -3.86 12.56
C MET A 130 -0.03 -2.97 11.80
N LEU A 131 -0.35 -2.70 10.54
CA LEU A 131 0.49 -1.90 9.69
C LEU A 131 -0.31 -0.74 9.15
N PHE A 132 0.38 0.36 8.84
CA PHE A 132 -0.26 1.54 8.32
C PHE A 132 0.07 1.69 6.86
N LEU A 133 -0.87 2.26 6.12
CA LEU A 133 -0.77 2.36 4.67
C LEU A 133 -0.84 3.79 4.21
N LYS A 134 0.26 4.27 3.63
CA LYS A 134 0.26 5.54 2.93
C LYS A 134 0.38 5.30 1.42
N MET A 135 -0.18 6.21 0.62
CA MET A 135 0.02 6.20 -0.81
C MET A 135 0.66 7.51 -1.21
N TYR A 136 1.75 7.40 -1.97
CA TYR A 136 2.39 8.58 -2.54
C TYR A 136 1.86 8.81 -3.95
N ASP A 137 1.47 10.05 -4.23
CA ASP A 137 1.05 10.42 -5.57
C ASP A 137 2.14 11.29 -6.14
N PRO A 138 2.98 10.71 -7.01
CA PRO A 138 4.10 11.48 -7.55
C PRO A 138 3.69 12.67 -8.41
N LYS A 139 2.54 12.58 -9.09
CA LYS A 139 2.02 13.72 -9.85
C LYS A 139 1.88 14.94 -8.94
N THR A 140 1.00 14.84 -7.94
CA THR A 140 0.78 15.93 -6.98
C THR A 140 1.85 16.04 -5.90
N ARG A 141 2.73 15.04 -5.80
CA ARG A 141 3.79 14.99 -4.78
C ARG A 141 3.21 15.08 -3.38
N SER A 142 2.26 14.19 -3.11
CA SER A 142 1.49 14.24 -1.88
C SER A 142 1.20 12.83 -1.38
N LEU A 143 1.15 12.69 -0.06
CA LEU A 143 0.85 11.43 0.58
C LEU A 143 -0.63 11.38 0.90
N ASN A 144 -1.21 10.18 0.79
CA ASN A 144 -2.64 9.95 1.08
C ASN A 144 -2.85 8.81 2.05
N TYR A 145 -3.28 9.12 3.28
CA TYR A 145 -3.52 8.09 4.28
C TYR A 145 -4.51 7.07 3.74
N CYS A 146 -4.16 5.79 3.84
CA CYS A 146 -5.01 4.70 3.40
C CYS A 146 -5.26 3.72 4.53
N GLY A 147 -5.24 4.23 5.76
CA GLY A 147 -5.70 3.47 6.90
C GLY A 147 -4.72 2.46 7.43
N HIS A 148 -5.24 1.51 8.19
CA HIS A 148 -4.43 0.50 8.85
C HIS A 148 -5.05 -0.87 8.66
N ILE A 149 -4.22 -1.90 8.60
CA ILE A 149 -4.72 -3.25 8.39
C ILE A 149 -4.13 -4.22 9.39
N TYR A 150 -4.95 -5.19 9.80
CA TYR A 150 -4.47 -6.30 10.61
C TYR A 150 -4.14 -7.42 9.65
N THR A 151 -2.96 -8.00 9.78
CA THR A 151 -2.60 -9.14 8.98
C THR A 151 -1.68 -10.07 9.77
N PRO A 152 -1.74 -11.38 9.47
CA PRO A 152 -0.78 -12.31 10.05
C PRO A 152 0.64 -11.95 9.65
N ILE A 153 1.61 -12.29 10.48
CA ILE A 153 3.00 -12.01 10.14
C ILE A 153 3.43 -12.94 9.00
N SER A 154 2.98 -14.19 9.09
CA SER A 154 3.26 -15.24 8.09
C SER A 154 2.84 -14.82 6.70
N CYS A 155 1.79 -14.01 6.64
CA CYS A 155 1.30 -13.42 5.39
C CYS A 155 2.42 -12.84 4.52
N LYS A 156 2.28 -12.98 3.20
CA LYS A 156 3.28 -12.49 2.26
C LYS A 156 2.90 -11.10 1.75
N ILE A 157 3.89 -10.27 1.47
CA ILE A 157 3.66 -8.92 0.91
C ILE A 157 2.74 -8.95 -0.31
N ARG A 158 3.00 -9.90 -1.22
CA ARG A 158 2.16 -10.12 -2.41
C ARG A 158 0.67 -9.99 -2.07
N ASP A 159 0.25 -10.61 -0.96
CA ASP A 159 -1.16 -10.73 -0.60
C ASP A 159 -1.80 -9.45 -0.02
N LEU A 160 -1.00 -8.41 0.19
CA LEU A 160 -1.50 -7.12 0.67
C LEU A 160 -1.71 -6.11 -0.48
N LEU A 161 -1.18 -6.42 -1.65
CA LEU A 161 -1.26 -5.52 -2.82
C LEU A 161 -2.70 -5.21 -3.26
N PRO A 162 -3.59 -6.21 -3.23
CA PRO A 162 -5.00 -5.95 -3.58
C PRO A 162 -5.61 -4.91 -2.66
N VAL A 163 -5.31 -5.01 -1.36
CA VAL A 163 -5.86 -4.09 -0.38
C VAL A 163 -5.32 -2.68 -0.60
N MET A 164 -4.02 -2.57 -0.88
CA MET A 164 -3.41 -1.27 -1.15
C MET A 164 -4.05 -0.56 -2.34
N CYS A 165 -4.42 -1.32 -3.36
CA CYS A 165 -5.08 -0.75 -4.54
C CYS A 165 -6.45 -0.23 -4.19
N ASP A 166 -7.24 -1.10 -3.56
CA ASP A 166 -8.59 -0.78 -3.13
C ASP A 166 -8.63 0.57 -2.42
N ARG A 167 -7.86 0.70 -1.35
CA ARG A 167 -7.92 1.88 -0.48
C ARG A 167 -7.42 3.16 -1.13
N ALA A 168 -6.53 3.03 -2.12
CA ALA A 168 -6.07 4.20 -2.88
C ALA A 168 -6.99 4.51 -4.06
N GLY A 169 -8.00 3.66 -4.28
CA GLY A 169 -8.94 3.84 -5.38
C GLY A 169 -8.35 3.48 -6.72
N PHE A 170 -7.53 2.42 -6.73
CA PHE A 170 -6.93 1.89 -7.96
C PHE A 170 -7.71 0.67 -8.44
N ILE A 171 -7.43 0.26 -9.68
CA ILE A 171 -7.97 -0.98 -10.22
C ILE A 171 -7.13 -2.13 -9.66
N GLN A 172 -7.69 -3.33 -9.61
CA GLN A 172 -6.94 -4.50 -9.18
C GLN A 172 -5.82 -4.84 -10.16
N ASP A 173 -4.83 -5.59 -9.65
CA ASP A 173 -3.64 -5.95 -10.41
C ASP A 173 -2.87 -4.72 -10.93
N THR A 174 -3.05 -3.59 -10.27
CA THR A 174 -2.27 -2.39 -10.57
C THR A 174 -0.87 -2.59 -10.01
N SER A 175 0.13 -2.21 -10.80
CA SER A 175 1.51 -2.40 -10.40
C SER A 175 1.85 -1.38 -9.33
N LEU A 176 2.53 -1.84 -8.27
CA LEU A 176 2.88 -0.98 -7.16
C LEU A 176 4.36 -1.13 -6.78
N ILE A 177 5.00 0.00 -6.51
CA ILE A 177 6.32 0.02 -5.89
C ILE A 177 6.11 0.25 -4.41
N LEU A 178 6.73 -0.60 -3.58
CA LEU A 178 6.56 -0.54 -2.14
C LEU A 178 7.83 -0.10 -1.40
N TYR A 179 7.64 0.72 -0.38
CA TYR A 179 8.70 1.14 0.52
C TYR A 179 8.24 0.94 1.95
N GLU A 180 9.19 0.90 2.88
CA GLU A 180 8.89 1.09 4.29
C GLU A 180 9.40 2.45 4.72
N GLU A 181 8.51 3.32 5.16
CA GLU A 181 8.91 4.55 5.86
C GLU A 181 9.52 4.14 7.20
N VAL A 182 10.85 4.03 7.23
CA VAL A 182 11.57 3.60 8.42
C VAL A 182 11.67 4.74 9.42
N LYS A 183 12.19 5.87 8.95
CA LYS A 183 12.37 7.07 9.77
C LYS A 183 12.60 8.26 8.86
N PRO A 184 12.58 9.48 9.41
CA PRO A 184 12.87 10.61 8.55
C PRO A 184 14.18 10.41 7.79
N ASN A 185 14.13 10.70 6.50
CA ASN A 185 15.26 10.54 5.58
C ASN A 185 15.71 9.12 5.37
N LEU A 186 14.80 8.17 5.54
CA LEU A 186 15.12 6.77 5.28
C LEU A 186 13.85 6.01 4.89
N THR A 187 13.73 5.76 3.59
CA THR A 187 12.58 5.12 3.00
C THR A 187 13.10 3.95 2.16
N GLU A 188 12.98 2.74 2.67
CA GLU A 188 13.61 1.58 2.07
C GLU A 188 12.66 0.85 1.13
N ARG A 189 13.05 0.70 -0.14
CA ARG A 189 12.24 -0.04 -1.10
C ARG A 189 12.22 -1.49 -0.69
N ILE A 190 11.08 -2.12 -0.89
CA ILE A 190 10.89 -3.55 -0.65
C ILE A 190 11.10 -4.28 -1.97
N GLN A 191 12.11 -5.16 -2.04
CA GLN A 191 12.50 -5.80 -3.31
C GLN A 191 11.71 -7.06 -3.61
N ASP A 192 11.68 -7.99 -2.67
CA ASP A 192 10.99 -9.28 -2.86
C ASP A 192 9.60 -9.28 -2.21
N TYR A 193 8.56 -9.40 -3.02
CA TYR A 193 7.18 -9.41 -2.52
C TYR A 193 6.71 -10.81 -2.11
N ASP A 194 7.54 -11.81 -2.30
CA ASP A 194 7.12 -13.18 -2.04
C ASP A 194 7.72 -13.71 -0.74
N VAL A 195 7.95 -12.81 0.21
CA VAL A 195 8.44 -13.18 1.53
C VAL A 195 7.44 -12.76 2.62
N SER A 196 7.60 -13.31 3.81
CA SER A 196 6.76 -12.95 4.95
C SER A 196 6.93 -11.48 5.29
N LEU A 197 6.06 -10.96 6.15
CA LEU A 197 6.16 -9.56 6.57
C LEU A 197 7.42 -9.35 7.39
N ASP A 198 7.67 -10.24 8.35
CA ASP A 198 8.84 -10.14 9.21
C ASP A 198 10.16 -10.19 8.45
N LYS A 199 10.17 -10.88 7.30
CA LYS A 199 11.33 -10.87 6.41
C LYS A 199 11.43 -9.56 5.63
N ALA A 200 10.30 -9.10 5.09
CA ALA A 200 10.26 -7.92 4.22
C ALA A 200 10.67 -6.60 4.89
N LEU A 201 10.19 -6.38 6.10
CA LEU A 201 10.48 -5.14 6.84
C LEU A 201 11.70 -5.25 7.78
N ASP A 202 12.26 -4.10 8.14
CA ASP A 202 13.57 -3.99 8.83
C ASP A 202 13.56 -4.58 10.25
N GLU A 203 12.57 -4.17 11.03
CA GLU A 203 12.29 -4.74 12.35
C GLU A 203 10.77 -4.71 12.49
N LEU A 204 10.11 -5.82 12.15
CA LEU A 204 8.66 -5.83 12.12
C LEU A 204 8.10 -5.46 13.47
N MET A 205 7.13 -4.57 13.46
CA MET A 205 6.50 -4.13 14.69
C MET A 205 5.14 -3.51 14.38
N ASP A 206 4.21 -3.61 15.33
CA ASP A 206 2.94 -2.93 15.18
C ASP A 206 3.26 -1.46 14.98
N GLY A 207 2.47 -0.78 14.17
CA GLY A 207 2.72 0.62 13.88
C GLY A 207 3.71 0.88 12.77
N ASP A 208 4.17 -0.17 12.08
CA ASP A 208 5.04 0.02 10.92
C ASP A 208 4.24 0.55 9.73
N ILE A 209 4.92 1.35 8.91
CA ILE A 209 4.32 2.09 7.82
C ILE A 209 4.94 1.62 6.52
N ILE A 210 4.11 1.25 5.55
CA ILE A 210 4.61 1.02 4.21
C ILE A 210 3.90 1.96 3.26
N VAL A 211 4.69 2.62 2.41
CA VAL A 211 4.20 3.59 1.45
C VAL A 211 4.25 2.95 0.07
N PHE A 212 3.17 3.08 -0.69
CA PHE A 212 3.11 2.49 -2.03
C PHE A 212 2.72 3.51 -3.08
N GLN A 213 3.17 3.29 -4.30
CA GLN A 213 2.77 4.11 -5.44
C GLN A 213 2.61 3.25 -6.70
N LYS A 214 1.89 3.80 -7.68
CA LYS A 214 1.80 3.18 -9.01
C LYS A 214 3.18 3.00 -9.61
N ASP A 215 3.37 1.88 -10.31
CA ASP A 215 4.58 1.65 -11.10
C ASP A 215 4.27 2.09 -12.53
N ASP A 216 4.60 3.35 -12.83
CA ASP A 216 4.18 4.00 -14.07
C ASP A 216 5.30 4.89 -14.58
N PRO A 217 5.73 4.72 -15.85
CA PRO A 217 6.79 5.60 -16.34
C PRO A 217 6.41 7.07 -16.33
N GLU A 218 5.11 7.36 -16.46
CA GLU A 218 4.61 8.74 -16.54
C GLU A 218 5.12 9.64 -15.42
N ASN A 219 5.22 9.11 -14.21
CA ASN A 219 5.62 9.92 -13.06
C ASN A 219 7.11 10.28 -12.98
N ASP A 220 7.94 9.67 -13.83
CA ASP A 220 9.36 10.06 -13.94
C ASP A 220 9.53 11.50 -14.45
N ASN A 221 8.47 12.05 -15.05
CA ASN A 221 8.42 13.47 -15.40
C ASN A 221 8.04 14.37 -14.21
N SER A 222 7.88 13.77 -13.03
CA SER A 222 7.62 14.53 -11.80
C SER A 222 8.92 15.04 -11.15
N GLU A 223 8.83 16.21 -10.51
CA GLU A 223 9.95 16.79 -9.78
C GLU A 223 10.46 15.83 -8.70
N LEU A 224 9.57 15.00 -8.15
CA LEU A 224 9.91 13.98 -7.16
C LEU A 224 9.23 12.67 -7.53
N PRO A 225 9.92 11.81 -8.30
CA PRO A 225 9.27 10.62 -8.89
C PRO A 225 8.82 9.55 -7.89
N THR A 226 9.50 9.42 -6.75
CA THR A 226 9.17 8.39 -5.75
C THR A 226 9.04 8.90 -4.32
N ALA A 227 8.50 8.05 -3.45
CA ALA A 227 8.36 8.33 -2.03
C ALA A 227 9.73 8.57 -1.43
N LYS A 228 10.68 7.72 -1.81
CA LYS A 228 12.08 7.84 -1.40
C LYS A 228 12.59 9.26 -1.60
N GLU A 229 12.42 9.77 -2.81
CA GLU A 229 12.80 11.15 -3.13
C GLU A 229 11.95 12.14 -2.34
N TYR A 230 10.66 11.84 -2.20
CA TYR A 230 9.75 12.73 -1.49
C TYR A 230 10.15 12.96 -0.03
N PHE A 231 10.45 11.88 0.68
CA PHE A 231 10.81 11.98 2.10
C PHE A 231 12.18 12.60 2.31
N ARG A 232 13.13 12.24 1.43
CA ARG A 232 14.46 12.85 1.44
C ARG A 232 14.30 14.36 1.27
N ASP A 233 13.47 14.75 0.30
CA ASP A 233 13.16 16.16 0.07
C ASP A 233 12.57 16.84 1.30
N LEU A 234 11.70 16.11 2.01
CA LEU A 234 11.05 16.64 3.20
C LEU A 234 12.05 16.85 4.33
N TYR A 235 12.95 15.90 4.50
CA TYR A 235 13.99 15.97 5.52
C TYR A 235 14.77 17.27 5.42
N HIS A 236 14.96 17.77 4.21
CA HIS A 236 15.74 18.97 3.96
C HIS A 236 14.94 20.26 4.10
N ARG A 237 13.68 20.26 3.69
CA ARG A 237 12.84 21.47 3.86
C ARG A 237 12.91 21.90 5.32
N VAL A 238 13.22 23.17 5.55
CA VAL A 238 13.39 23.70 6.90
C VAL A 238 13.06 25.19 6.94
N ASP A 239 12.25 25.60 7.91
CA ASP A 239 11.87 27.01 8.05
C ASP A 239 12.77 27.68 9.08
N VAL A 240 13.25 28.89 8.76
CA VAL A 240 14.03 29.71 9.69
C VAL A 240 13.51 31.14 9.70
N ILE A 241 13.51 31.78 10.88
CA ILE A 241 13.05 33.16 11.06
C ILE A 241 14.23 34.13 11.27
N PHE A 242 14.25 35.20 10.49
CA PHE A 242 15.34 36.19 10.51
C PHE A 242 14.88 37.52 11.12
N CYS A 243 15.67 38.07 12.05
CA CYS A 243 15.32 39.30 12.77
C CYS A 243 16.49 40.30 12.81
N ASP A 244 16.17 41.58 12.78
CA ASP A 244 17.15 42.67 12.81
C ASP A 244 17.70 42.82 14.23
N LYS A 245 19.03 42.77 14.38
CA LYS A 245 19.68 42.85 15.70
C LYS A 245 19.79 44.28 16.24
N THR A 246 19.58 45.28 15.39
CA THR A 246 19.73 46.69 15.79
C THR A 246 18.47 47.51 15.51
N ILE A 247 17.58 47.68 16.49
CA ILE A 247 17.66 47.02 17.79
C ILE A 247 16.24 46.78 18.37
N PRO A 248 15.27 46.40 17.52
CA PRO A 248 13.89 46.37 17.98
C PRO A 248 13.60 45.14 18.84
N ASN A 249 12.32 44.92 19.15
CA ASN A 249 11.91 43.73 19.90
C ASN A 249 12.18 42.46 19.08
N ASP A 250 11.53 42.36 17.92
CA ASP A 250 11.76 41.23 17.01
C ASP A 250 10.91 41.35 15.74
N PRO A 251 11.39 42.09 14.71
CA PRO A 251 10.67 42.10 13.45
C PRO A 251 10.95 40.79 12.71
N GLY A 252 10.21 39.75 13.09
CA GLY A 252 10.45 38.40 12.59
C GLY A 252 9.72 38.08 11.29
N PHE A 253 10.45 37.56 10.32
CA PHE A 253 9.87 37.00 9.09
C PHE A 253 10.59 35.67 8.81
N VAL A 254 9.80 34.61 8.61
CA VAL A 254 10.35 33.27 8.42
C VAL A 254 10.29 32.86 6.96
N VAL A 255 11.40 32.35 6.43
CA VAL A 255 11.49 31.95 5.02
C VAL A 255 11.96 30.51 4.91
N THR A 256 11.44 29.80 3.90
CA THR A 256 11.71 28.37 3.70
C THR A 256 13.02 28.16 2.94
N LEU A 257 13.88 27.29 3.49
CA LEU A 257 15.17 26.98 2.91
C LEU A 257 15.40 25.47 2.94
N SER A 258 16.53 25.04 2.39
CA SER A 258 16.95 23.65 2.49
C SER A 258 18.07 23.52 3.54
N ASN A 259 18.18 22.34 4.14
CA ASN A 259 19.29 22.04 5.04
C ASN A 259 20.61 21.88 4.29
N ARG A 260 20.53 21.61 2.99
CA ARG A 260 21.71 21.43 2.16
C ARG A 260 22.43 22.75 1.81
N MET A 261 21.77 23.88 2.00
CA MET A 261 22.31 25.16 1.52
C MET A 261 23.55 25.58 2.31
N ASN A 262 24.54 26.10 1.58
CA ASN A 262 25.76 26.67 2.18
C ASN A 262 25.55 28.17 2.42
N TYR A 263 26.62 28.87 2.82
CA TYR A 263 26.53 30.29 3.13
C TYR A 263 25.98 31.14 1.99
N PHE A 264 26.58 31.03 0.81
CA PHE A 264 26.12 31.83 -0.33
C PHE A 264 24.61 31.70 -0.48
N GLN A 265 24.15 30.46 -0.65
CA GLN A 265 22.75 30.20 -0.95
C GLN A 265 21.83 30.81 0.09
N VAL A 266 22.10 30.57 1.38
CA VAL A 266 21.26 31.11 2.45
C VAL A 266 21.26 32.65 2.46
N ALA A 267 22.41 33.23 2.19
CA ALA A 267 22.53 34.69 2.12
C ALA A 267 21.79 35.26 0.91
N LYS A 268 22.08 34.73 -0.27
CA LYS A 268 21.47 35.22 -1.52
C LYS A 268 19.93 35.13 -1.49
N THR A 269 19.39 34.13 -0.79
CA THR A 269 17.93 33.94 -0.70
C THR A 269 17.28 34.74 0.44
N VAL A 270 18.05 35.14 1.44
CA VAL A 270 17.56 36.04 2.50
C VAL A 270 17.74 37.51 2.10
N ALA A 271 18.84 37.79 1.40
CA ALA A 271 19.10 39.15 0.88
C ALA A 271 18.09 39.54 -0.20
N GLN A 272 17.74 38.59 -1.05
CA GLN A 272 16.73 38.82 -2.09
C GLN A 272 15.38 39.17 -1.48
N ARG A 273 15.02 38.52 -0.38
CA ARG A 273 13.75 38.77 0.30
C ARG A 273 13.68 40.17 0.93
N LEU A 274 14.82 40.69 1.39
CA LEU A 274 14.89 42.04 1.99
C LEU A 274 15.07 43.16 0.94
N ASN A 275 15.54 42.79 -0.26
CA ASN A 275 15.74 43.72 -1.38
C ASN A 275 17.19 44.21 -1.54
N THR A 276 17.97 44.17 -0.46
CA THR A 276 19.39 44.58 -0.50
C THR A 276 20.27 43.54 -1.22
N ASP A 277 21.55 43.90 -1.39
CA ASP A 277 22.58 42.96 -1.82
C ASP A 277 23.01 42.08 -0.65
N PRO A 278 23.50 40.86 -0.94
CA PRO A 278 23.98 39.96 0.11
C PRO A 278 25.23 40.48 0.82
N MET A 279 26.04 41.25 0.09
CA MET A 279 27.22 41.93 0.64
C MET A 279 26.86 42.95 1.72
N LEU A 280 25.62 43.40 1.75
CA LEU A 280 25.18 44.35 2.76
C LEU A 280 24.76 43.64 4.05
N LEU A 281 24.40 42.34 3.96
CA LEU A 281 23.92 41.58 5.13
C LEU A 281 25.04 40.94 5.94
N GLN A 282 24.95 41.04 7.27
CA GLN A 282 25.90 40.39 8.18
C GLN A 282 25.16 39.47 9.16
N PHE A 283 25.24 38.17 8.95
CA PHE A 283 24.59 37.20 9.83
C PHE A 283 25.44 36.95 11.07
N PHE A 284 24.77 36.77 12.21
CA PHE A 284 25.44 36.38 13.43
C PHE A 284 25.00 34.96 13.79
N LYS A 285 25.96 34.08 14.07
CA LYS A 285 25.67 32.68 14.43
C LYS A 285 24.97 32.63 15.78
N SER A 286 23.92 31.80 15.88
CA SER A 286 23.12 31.72 17.11
C SER A 286 23.95 31.12 18.25
N GLN A 287 23.99 31.83 19.38
CA GLN A 287 24.82 31.42 20.52
C GLN A 287 24.58 29.97 20.93
N GLY A 288 23.32 29.55 20.90
CA GLY A 288 22.95 28.16 21.22
C GLY A 288 22.91 27.92 22.71
N TYR A 289 21.72 27.59 23.22
CA TYR A 289 21.49 27.44 24.67
C TYR A 289 21.42 28.81 25.36
N ARG A 290 22.44 29.64 25.12
CA ARG A 290 22.46 31.02 25.62
C ARG A 290 21.38 31.90 24.95
N ASP A 291 21.43 33.20 25.24
CA ASP A 291 20.35 34.12 24.85
C ASP A 291 20.41 34.61 23.41
N GLY A 292 21.38 35.46 23.09
CA GLY A 292 21.39 36.23 21.83
C GLY A 292 22.44 35.86 20.81
N PRO A 293 22.66 36.74 19.80
CA PRO A 293 23.59 36.51 18.69
C PRO A 293 25.01 36.16 19.11
N GLY A 294 25.75 37.12 19.68
CA GLY A 294 27.14 36.91 20.06
C GLY A 294 28.10 36.91 18.88
N ASN A 295 28.32 35.73 18.31
CA ASN A 295 29.31 35.55 17.25
C ASN A 295 28.82 36.15 15.92
N PRO A 296 29.71 36.84 15.19
CA PRO A 296 29.45 37.12 13.77
C PRO A 296 29.77 35.89 12.91
N LEU A 297 29.06 35.74 11.79
CA LEU A 297 29.18 34.55 10.94
C LEU A 297 29.99 34.88 9.68
N ARG A 298 31.08 34.15 9.49
CA ARG A 298 31.97 34.38 8.36
C ARG A 298 31.36 33.93 7.03
N HIS A 299 31.55 34.73 5.98
CA HIS A 299 31.07 34.40 4.63
C HIS A 299 31.88 33.33 3.90
N ASN A 300 32.94 32.83 4.54
CA ASN A 300 33.65 31.65 4.04
C ASN A 300 33.39 30.42 4.92
N TYR A 301 32.26 30.45 5.64
CA TYR A 301 31.80 29.31 6.43
C TYR A 301 31.51 28.12 5.51
N GLU A 302 32.35 27.10 5.59
CA GLU A 302 32.26 25.95 4.67
C GLU A 302 31.17 24.92 5.05
N GLY A 303 30.47 25.15 6.16
CA GLY A 303 29.38 24.26 6.58
C GLY A 303 28.05 24.56 5.92
N THR A 304 27.03 23.78 6.29
CA THR A 304 25.67 23.90 5.76
C THR A 304 24.73 24.59 6.74
N LEU A 305 23.50 24.81 6.30
CA LEU A 305 22.45 25.35 7.16
C LEU A 305 22.04 24.38 8.27
N ARG A 306 22.12 23.08 8.00
CA ARG A 306 21.94 22.04 9.04
C ARG A 306 22.88 22.28 10.22
N ASP A 307 24.12 22.66 9.92
CA ASP A 307 25.16 22.89 10.92
C ASP A 307 24.95 24.20 11.68
N LEU A 308 24.46 25.22 10.98
CA LEU A 308 24.11 26.49 11.63
C LEU A 308 23.02 26.33 12.69
N LEU A 309 22.07 25.44 12.45
CA LEU A 309 20.84 25.40 13.24
C LEU A 309 20.72 24.24 14.23
N GLN A 310 21.74 23.39 14.33
CA GLN A 310 21.66 22.22 15.24
C GLN A 310 21.72 22.56 16.74
N PHE A 311 21.94 23.84 17.07
CA PHE A 311 21.76 24.33 18.43
C PHE A 311 20.28 24.36 18.81
N PHE A 312 19.46 24.94 17.93
CA PHE A 312 18.02 25.10 18.17
C PHE A 312 17.35 23.80 18.58
N LYS A 313 16.35 23.90 19.46
CA LYS A 313 15.65 22.73 20.02
C LYS A 313 14.81 22.00 18.97
N PRO A 314 14.13 20.91 19.37
CA PRO A 314 13.18 20.25 18.46
C PRO A 314 11.76 20.87 18.47
N ARG A 315 11.51 21.81 19.39
CA ARG A 315 10.19 22.46 19.52
C ARG A 315 9.67 23.17 18.25
N GLN A 316 10.43 24.07 17.62
CA GLN A 316 11.78 24.49 18.02
C GLN A 316 11.80 25.95 18.48
N PRO A 317 11.74 26.93 17.55
CA PRO A 317 11.83 26.88 16.10
C PRO A 317 13.28 27.15 15.66
N LYS A 318 13.48 27.40 14.36
CA LYS A 318 14.80 27.79 13.85
C LYS A 318 14.86 29.30 13.60
N LYS A 319 15.92 29.94 14.06
CA LYS A 319 16.11 31.38 13.84
C LYS A 319 17.55 31.83 14.09
N LEU A 320 17.95 32.88 13.38
CA LEU A 320 19.25 33.53 13.60
C LEU A 320 19.21 35.01 13.15
N TYR A 321 20.00 35.84 13.81
CA TYR A 321 19.92 37.29 13.70
C TYR A 321 20.87 37.86 12.65
N TYR A 322 20.65 39.14 12.31
CA TYR A 322 21.45 39.82 11.29
C TYR A 322 21.33 41.37 11.37
N GLN A 323 22.46 42.06 11.16
CA GLN A 323 22.44 43.50 10.88
C GLN A 323 22.54 43.67 9.36
N GLN A 324 22.05 44.80 8.84
CA GLN A 324 22.02 45.00 7.39
C GLN A 324 22.20 46.43 6.85
N LEU A 325 23.25 47.17 7.25
CA LEU A 325 24.22 46.81 8.29
C LEU A 325 24.89 48.07 8.84
N HIS B 6 30.24 -15.31 -0.93
CA HIS B 6 28.98 -14.66 -0.47
C HIS B 6 28.06 -15.58 0.36
N LEU B 7 28.41 -16.85 0.51
CA LEU B 7 27.56 -17.80 1.23
C LEU B 7 28.09 -18.13 2.64
N TYR B 8 29.02 -17.32 3.14
CA TYR B 8 29.59 -17.50 4.48
C TYR B 8 29.41 -16.24 5.31
N MET B 9 29.57 -16.37 6.63
CA MET B 9 29.55 -15.23 7.56
C MET B 9 30.66 -15.34 8.59
N GLN B 10 31.01 -14.20 9.17
CA GLN B 10 32.03 -14.11 10.20
C GLN B 10 31.38 -14.08 11.58
N VAL B 11 31.73 -15.04 12.42
CA VAL B 11 31.28 -15.01 13.81
C VAL B 11 32.49 -14.68 14.65
N GLN B 12 32.37 -13.64 15.47
CA GLN B 12 33.46 -13.16 16.30
C GLN B 12 33.17 -13.50 17.74
N ILE B 13 34.14 -14.10 18.40
CA ILE B 13 34.01 -14.51 19.78
C ILE B 13 34.85 -13.58 20.64
N VAL B 14 34.26 -13.08 21.72
CA VAL B 14 35.00 -12.30 22.71
C VAL B 14 34.87 -13.00 24.04
N ALA B 15 35.97 -13.02 24.80
CA ALA B 15 36.03 -13.74 26.06
C ALA B 15 36.28 -12.76 27.20
N GLU B 16 35.87 -13.18 28.39
CA GLU B 16 35.75 -12.27 29.53
C GLU B 16 37.04 -11.55 29.91
N ASP B 17 38.20 -12.15 29.63
CA ASP B 17 39.49 -11.52 29.93
C ASP B 17 39.71 -10.21 29.17
N GLN B 18 39.04 -10.05 28.03
CA GLN B 18 39.13 -8.83 27.23
C GLN B 18 38.41 -7.66 27.89
N PHE B 19 37.52 -7.97 28.82
CA PHE B 19 36.80 -6.95 29.59
C PHE B 19 37.70 -6.37 30.67
N CYS B 20 38.72 -7.11 31.09
CA CYS B 20 39.63 -6.61 32.11
C CYS B 20 40.32 -5.36 31.63
N GLY B 21 40.59 -4.45 32.57
CA GLY B 21 41.34 -3.24 32.28
C GLY B 21 40.60 -2.17 31.53
N HIS B 22 39.38 -2.45 31.08
CA HIS B 22 38.62 -1.49 30.29
C HIS B 22 38.16 -0.33 31.15
N GLN B 23 38.32 0.89 30.62
CA GLN B 23 38.11 2.11 31.39
C GLN B 23 36.92 2.96 30.94
N GLY B 24 36.16 2.47 29.96
CA GLY B 24 35.02 3.22 29.43
C GLY B 24 33.67 2.59 29.71
N ASN B 25 32.72 2.90 28.85
CA ASN B 25 31.37 2.37 28.97
C ASN B 25 31.22 1.04 28.24
N ASP B 26 30.19 0.29 28.65
CA ASP B 26 29.98 -1.09 28.21
C ASP B 26 31.23 -1.92 28.54
N MET B 27 31.32 -3.15 28.06
CA MET B 27 32.35 -4.07 28.54
C MET B 27 33.72 -3.91 27.90
N TYR B 28 33.77 -3.51 26.65
CA TYR B 28 35.04 -3.40 25.94
C TYR B 28 35.00 -2.34 24.84
N ASP B 29 36.18 -2.00 24.32
CA ASP B 29 36.29 -1.06 23.20
C ASP B 29 36.27 -1.84 21.89
N GLU B 30 35.20 -1.67 21.10
CA GLU B 30 34.98 -2.49 19.91
C GLU B 30 36.16 -2.49 18.92
N GLU B 31 36.82 -1.33 18.80
CA GLU B 31 38.00 -1.21 17.93
C GLU B 31 39.21 -1.96 18.49
N LYS B 32 39.57 -1.64 19.73
CA LYS B 32 40.86 -2.07 20.31
C LYS B 32 40.89 -3.52 20.81
N VAL B 33 39.74 -4.16 20.96
CA VAL B 33 39.69 -5.53 21.50
C VAL B 33 40.11 -6.58 20.47
N LYS B 34 40.67 -7.68 20.94
CA LYS B 34 41.12 -8.77 20.07
C LYS B 34 40.07 -9.90 20.05
N TYR B 35 39.55 -10.22 18.87
CA TYR B 35 38.52 -11.24 18.71
C TYR B 35 39.08 -12.56 18.21
N THR B 36 38.40 -13.65 18.56
CA THR B 36 38.65 -14.97 17.99
C THR B 36 37.58 -15.20 16.92
N VAL B 37 38.00 -15.51 15.69
CA VAL B 37 37.09 -15.42 14.55
C VAL B 37 36.82 -16.75 13.87
N PHE B 38 35.60 -16.89 13.34
CA PHE B 38 35.15 -18.11 12.67
C PHE B 38 34.46 -17.80 11.34
N LYS B 39 34.86 -18.47 10.26
CA LYS B 39 34.06 -18.48 9.03
C LYS B 39 33.00 -19.58 9.19
N VAL B 40 31.75 -19.23 8.92
CA VAL B 40 30.63 -20.13 9.14
C VAL B 40 29.65 -19.99 7.98
N LEU B 41 29.05 -21.10 7.57
CA LEU B 41 28.03 -21.06 6.52
C LEU B 41 26.80 -20.35 7.05
N LYS B 42 26.30 -19.38 6.29
CA LYS B 42 25.12 -18.61 6.69
C LYS B 42 23.91 -19.50 6.99
N ASN B 43 23.92 -20.74 6.52
CA ASN B 43 22.85 -21.70 6.85
C ASN B 43 23.25 -22.71 7.92
N SER B 44 24.25 -22.37 8.72
CA SER B 44 24.73 -23.29 9.75
C SER B 44 23.76 -23.40 10.91
N SER B 45 23.92 -24.47 11.69
CA SER B 45 23.12 -24.71 12.87
C SER B 45 23.85 -24.16 14.09
N LEU B 46 23.11 -23.82 15.13
CA LEU B 46 23.70 -23.30 16.36
C LEU B 46 24.49 -24.40 17.06
N ALA B 47 23.91 -25.60 17.13
CA ALA B 47 24.60 -26.75 17.71
C ALA B 47 25.86 -27.11 16.92
N GLU B 48 25.81 -26.90 15.61
CA GLU B 48 26.95 -27.11 14.71
C GLU B 48 28.08 -26.12 15.01
N PHE B 49 27.72 -24.87 15.30
CA PHE B 49 28.71 -23.84 15.65
C PHE B 49 29.30 -24.10 17.04
N VAL B 50 28.44 -24.47 17.99
CA VAL B 50 28.89 -24.77 19.35
C VAL B 50 29.86 -25.95 19.35
N GLN B 51 29.60 -26.92 18.47
CA GLN B 51 30.49 -28.07 18.29
C GLN B 51 31.87 -27.61 17.81
N SER B 52 31.90 -26.86 16.72
CA SER B 52 33.14 -26.29 16.17
C SER B 52 33.89 -25.47 17.24
N LEU B 53 33.12 -24.68 18.00
CA LEU B 53 33.65 -23.83 19.07
C LEU B 53 34.23 -24.65 20.24
N SER B 54 33.52 -25.71 20.60
CA SER B 54 33.93 -26.57 21.71
C SER B 54 35.24 -27.30 21.43
N GLN B 55 35.47 -27.67 20.17
CA GLN B 55 36.71 -28.32 19.78
C GLN B 55 37.86 -27.31 19.71
N THR B 56 37.62 -26.17 19.09
CA THR B 56 38.65 -25.15 18.88
C THR B 56 39.19 -24.57 20.19
N MET B 57 38.27 -24.23 21.09
CA MET B 57 38.63 -23.78 22.44
C MET B 57 38.77 -25.04 23.30
N GLY B 58 39.36 -24.91 24.48
CA GLY B 58 39.58 -26.06 25.35
C GLY B 58 38.35 -26.64 26.04
N PHE B 59 37.19 -25.99 25.90
CA PHE B 59 36.03 -26.26 26.75
C PHE B 59 35.02 -27.19 26.11
N PRO B 60 34.37 -28.06 26.92
CA PRO B 60 33.28 -28.90 26.43
C PRO B 60 31.97 -28.14 26.39
N GLN B 61 31.00 -28.64 25.63
CA GLN B 61 29.74 -27.92 25.39
C GLN B 61 28.99 -27.52 26.66
N ASP B 62 29.07 -28.35 27.70
CA ASP B 62 28.38 -28.07 28.97
C ASP B 62 29.14 -27.10 29.89
N GLN B 63 30.37 -26.73 29.52
CA GLN B 63 31.15 -25.74 30.27
C GLN B 63 31.23 -24.37 29.58
N ILE B 64 30.37 -24.11 28.59
CA ILE B 64 30.33 -22.83 27.88
C ILE B 64 28.90 -22.31 27.70
N ARG B 65 28.78 -20.99 27.54
CA ARG B 65 27.50 -20.36 27.26
C ARG B 65 27.67 -19.11 26.37
N LEU B 66 26.83 -19.00 25.36
CA LEU B 66 26.93 -17.93 24.39
C LEU B 66 26.01 -16.78 24.74
N TRP B 67 26.56 -15.58 24.76
CA TRP B 67 25.77 -14.38 24.98
C TRP B 67 26.07 -13.47 23.81
N PRO B 68 25.18 -13.46 22.80
CA PRO B 68 25.42 -12.61 21.65
C PRO B 68 25.45 -11.15 22.03
N MET B 69 26.38 -10.41 21.45
CA MET B 69 26.51 -9.01 21.76
C MET B 69 25.49 -8.24 20.95
N GLN B 70 24.41 -7.82 21.60
CA GLN B 70 23.31 -7.12 20.94
C GLN B 70 23.38 -5.64 21.26
N ALA B 71 23.12 -4.81 20.26
CA ALA B 71 23.00 -3.37 20.47
C ALA B 71 21.62 -3.13 21.06
N ARG B 72 21.48 -2.01 21.75
CA ARG B 72 20.22 -1.67 22.40
C ARG B 72 19.78 -0.29 21.95
N SER B 73 18.55 0.05 22.29
CA SER B 73 17.91 1.26 21.77
C SER B 73 18.43 2.55 22.41
N ASN B 74 19.19 2.44 23.50
CA ASN B 74 19.85 3.60 24.13
C ASN B 74 21.32 3.75 23.70
N GLY B 75 21.70 3.12 22.60
CA GLY B 75 23.04 3.27 22.05
C GLY B 75 24.13 2.45 22.74
N THR B 76 23.72 1.45 23.50
CA THR B 76 24.67 0.59 24.19
C THR B 76 24.74 -0.76 23.51
N LYS B 77 25.86 -1.43 23.66
CA LYS B 77 26.07 -2.75 23.09
C LYS B 77 26.53 -3.65 24.21
N ARG B 78 25.72 -4.64 24.56
CA ARG B 78 26.00 -5.49 25.72
C ARG B 78 25.69 -6.95 25.47
N PRO B 79 26.27 -7.83 26.30
CA PRO B 79 25.92 -9.24 26.21
C PRO B 79 24.45 -9.43 26.45
N ALA B 80 23.82 -10.21 25.58
CA ALA B 80 22.39 -10.43 25.62
C ALA B 80 22.10 -11.91 25.57
N MET B 81 20.84 -12.25 25.75
CA MET B 81 20.40 -13.61 25.79
C MET B 81 20.16 -14.11 24.37
N LEU B 82 20.54 -15.35 24.09
CA LEU B 82 20.32 -15.93 22.77
C LEU B 82 18.85 -16.33 22.64
N ASP B 83 18.26 -16.06 21.47
CA ASP B 83 16.86 -16.45 21.20
C ASP B 83 16.72 -17.88 20.61
N ASN B 84 17.44 -18.85 21.18
CA ASN B 84 17.26 -20.26 20.84
C ASN B 84 16.07 -20.81 21.64
N GLU B 85 16.33 -21.73 22.57
CA GLU B 85 15.31 -22.25 23.50
C GLU B 85 14.17 -23.02 22.81
N ALA B 86 14.05 -24.31 23.17
CA ALA B 86 12.98 -25.19 22.66
C ALA B 86 13.08 -25.41 21.13
N ASP B 87 11.95 -25.72 20.48
CA ASP B 87 11.94 -26.01 19.04
C ASP B 87 12.28 -24.77 18.21
N GLY B 88 13.57 -24.49 18.10
CA GLY B 88 14.06 -23.38 17.28
C GLY B 88 14.44 -23.87 15.90
N ASN B 89 15.53 -24.65 15.84
CA ASN B 89 16.09 -25.10 14.57
C ASN B 89 16.41 -23.93 13.64
N LYS B 90 16.82 -22.81 14.23
CA LYS B 90 17.05 -21.56 13.49
C LYS B 90 18.43 -21.56 12.84
N THR B 91 18.55 -20.85 11.73
CA THR B 91 19.82 -20.76 11.00
C THR B 91 20.69 -19.62 11.58
N MET B 92 22.01 -19.78 11.49
CA MET B 92 22.94 -18.79 12.05
C MET B 92 22.65 -17.36 11.58
N ILE B 93 22.59 -17.18 10.27
CA ILE B 93 22.34 -15.85 9.70
C ILE B 93 21.03 -15.25 10.23
N GLU B 94 20.05 -16.09 10.53
CA GLU B 94 18.77 -15.64 11.08
C GLU B 94 18.92 -15.29 12.57
N LEU B 95 19.54 -16.17 13.35
CA LEU B 95 19.84 -15.87 14.76
C LEU B 95 20.53 -14.52 14.91
N SER B 96 21.39 -14.19 13.94
CA SER B 96 22.08 -12.91 13.89
C SER B 96 21.23 -11.73 13.39
N ASP B 97 19.97 -11.96 13.05
CA ASP B 97 19.17 -11.00 12.28
C ASP B 97 20.02 -10.40 11.16
N ASN B 98 20.56 -11.28 10.32
CA ASN B 98 21.29 -10.89 9.11
C ASN B 98 22.52 -10.01 9.34
N GLU B 99 23.05 -10.00 10.57
CA GLU B 99 24.29 -9.27 10.85
C GLU B 99 25.49 -10.13 10.53
N ASN B 100 26.54 -9.49 10.02
CA ASN B 100 27.74 -10.17 9.56
C ASN B 100 28.83 -9.12 9.39
N PRO B 101 29.82 -9.10 10.30
CA PRO B 101 30.06 -10.08 11.33
C PRO B 101 29.04 -10.04 12.46
N TRP B 102 28.97 -11.14 13.21
CA TRP B 102 28.12 -11.27 14.37
C TRP B 102 29.03 -11.56 15.55
N THR B 103 29.06 -10.64 16.52
CA THR B 103 29.93 -10.77 17.70
C THR B 103 29.17 -11.45 18.83
N ILE B 104 29.89 -12.24 19.63
CA ILE B 104 29.29 -13.02 20.72
C ILE B 104 30.23 -13.10 21.91
N PHE B 105 29.70 -12.77 23.09
CA PHE B 105 30.41 -13.01 24.34
C PHE B 105 30.30 -14.48 24.72
N LEU B 106 31.46 -15.09 24.99
CA LEU B 106 31.58 -16.52 25.25
C LEU B 106 31.91 -16.73 26.73
N GLU B 107 30.90 -17.07 27.50
CA GLU B 107 31.09 -17.33 28.92
C GLU B 107 31.56 -18.76 29.10
N THR B 108 32.63 -18.92 29.86
CA THR B 108 33.16 -20.25 30.22
C THR B 108 33.54 -20.23 31.70
N VAL B 109 34.13 -21.32 32.17
CA VAL B 109 34.47 -21.46 33.58
C VAL B 109 35.96 -21.72 33.71
N ASP B 110 36.54 -21.37 34.87
CA ASP B 110 37.92 -21.74 35.20
C ASP B 110 38.19 -21.54 36.70
N PRO B 111 38.78 -22.55 37.39
CA PRO B 111 39.30 -23.83 36.91
C PRO B 111 38.25 -24.95 36.85
N ALA B 118 34.04 -29.84 37.38
CA ALA B 118 33.27 -28.60 37.47
C ALA B 118 32.36 -28.43 36.26
N THR B 119 31.41 -27.50 36.38
CA THR B 119 30.40 -27.27 35.33
C THR B 119 29.77 -25.88 35.48
N LEU B 120 29.34 -25.30 34.37
CA LEU B 120 28.72 -23.98 34.38
C LEU B 120 27.32 -24.09 35.00
N PRO B 121 26.90 -23.09 35.78
CA PRO B 121 25.58 -23.16 36.40
C PRO B 121 24.43 -23.16 35.40
N LYS B 122 23.23 -23.46 35.88
CA LYS B 122 22.02 -23.40 35.07
C LYS B 122 21.42 -21.98 35.15
N PHE B 123 20.77 -21.56 34.08
CA PHE B 123 20.26 -20.19 33.97
C PHE B 123 18.80 -20.17 33.55
N ASP B 124 17.91 -19.88 34.51
CA ASP B 124 16.47 -19.81 34.23
C ASP B 124 16.09 -18.37 33.96
N ASP B 126 11.98 -16.81 32.38
CA ASP B 126 13.29 -16.47 32.96
C ASP B 126 13.11 -15.69 34.25
N HIS B 127 13.55 -16.29 35.36
CA HIS B 127 13.53 -15.65 36.68
C HIS B 127 14.94 -15.28 37.14
N ASP B 128 15.95 -15.61 36.35
CA ASP B 128 17.34 -15.26 36.65
C ASP B 128 17.83 -14.15 35.71
N VAL B 129 18.93 -13.50 36.09
CA VAL B 129 19.53 -12.46 35.28
C VAL B 129 21.05 -12.49 35.44
N MET B 130 21.76 -12.22 34.36
CA MET B 130 23.21 -12.01 34.42
C MET B 130 23.47 -10.53 34.58
N LEU B 131 24.35 -10.17 35.51
CA LEU B 131 24.74 -8.79 35.73
C LEU B 131 26.24 -8.66 35.65
N PHE B 132 26.71 -7.46 35.35
CA PHE B 132 28.15 -7.18 35.34
C PHE B 132 28.49 -6.17 36.42
N LEU B 133 29.52 -6.52 37.20
CA LEU B 133 29.97 -5.71 38.33
C LEU B 133 31.26 -4.97 37.97
N LYS B 134 31.25 -3.65 38.13
CA LYS B 134 32.47 -2.83 38.04
C LYS B 134 32.71 -2.09 39.36
N MET B 135 33.98 -1.97 39.75
CA MET B 135 34.33 -1.22 40.96
C MET B 135 35.11 0.03 40.61
N TYR B 136 34.54 1.20 40.89
CA TYR B 136 35.25 2.44 40.67
C TYR B 136 36.13 2.76 41.87
N ASP B 137 37.38 3.15 41.59
CA ASP B 137 38.33 3.52 42.64
C ASP B 137 38.66 5.00 42.51
N PRO B 138 38.10 5.85 43.39
CA PRO B 138 38.33 7.30 43.26
C PRO B 138 39.77 7.77 43.48
N LYS B 139 40.59 7.01 44.22
CA LYS B 139 42.00 7.39 44.40
C LYS B 139 42.72 7.37 43.06
N THR B 140 42.80 6.18 42.46
CA THR B 140 43.44 6.00 41.15
C THR B 140 42.60 6.55 40.00
N ARG B 141 41.33 6.83 40.26
CA ARG B 141 40.38 7.30 39.26
C ARG B 141 40.30 6.34 38.07
N SER B 142 40.07 5.07 38.39
CA SER B 142 39.96 4.00 37.40
C SER B 142 38.85 3.02 37.75
N LEU B 143 38.37 2.30 36.74
CA LEU B 143 37.37 1.27 36.92
C LEU B 143 38.06 -0.06 37.01
N ASN B 144 37.52 -0.97 37.82
CA ASN B 144 38.09 -2.30 38.01
C ASN B 144 37.05 -3.39 37.80
N TYR B 145 37.17 -4.11 36.70
CA TYR B 145 36.20 -5.13 36.33
C TYR B 145 36.16 -6.25 37.36
N CYS B 146 34.97 -6.55 37.88
CA CYS B 146 34.79 -7.59 38.90
C CYS B 146 33.87 -8.68 38.41
N GLY B 147 33.99 -9.05 37.14
CA GLY B 147 33.29 -10.21 36.62
C GLY B 147 31.78 -10.03 36.54
N HIS B 148 31.09 -11.15 36.39
CA HIS B 148 29.65 -11.15 36.20
C HIS B 148 29.01 -12.09 37.19
N ILE B 149 27.69 -12.13 37.24
CA ILE B 149 27.03 -12.86 38.33
C ILE B 149 25.62 -13.27 37.96
N TYR B 150 25.33 -14.57 38.10
CA TYR B 150 23.96 -15.08 37.95
C TYR B 150 23.25 -14.86 39.26
N THR B 151 22.00 -14.42 39.19
CA THR B 151 21.20 -14.17 40.37
C THR B 151 19.72 -14.19 39.99
N PRO B 152 18.88 -14.71 40.88
CA PRO B 152 17.45 -14.56 40.66
C PRO B 152 17.06 -13.09 40.65
N ILE B 153 16.08 -12.75 39.83
CA ILE B 153 15.57 -11.38 39.75
C ILE B 153 14.92 -11.01 41.08
N SER B 154 14.27 -11.98 41.71
CA SER B 154 13.56 -11.79 42.99
C SER B 154 14.48 -11.34 44.13
N CYS B 155 15.75 -11.72 44.03
CA CYS B 155 16.78 -11.29 44.98
C CYS B 155 16.80 -9.77 45.16
N LYS B 156 17.32 -9.33 46.31
CA LYS B 156 17.38 -7.90 46.63
C LYS B 156 18.82 -7.39 46.60
N ILE B 157 18.99 -6.13 46.20
CA ILE B 157 20.32 -5.51 46.04
C ILE B 157 21.24 -5.75 47.24
N ARG B 158 20.69 -5.67 48.44
CA ARG B 158 21.49 -5.86 49.65
C ARG B 158 22.22 -7.22 49.66
N ASP B 159 21.60 -8.23 49.06
CA ASP B 159 22.15 -9.59 49.07
C ASP B 159 23.34 -9.80 48.11
N LEU B 160 23.57 -8.85 47.22
CA LEU B 160 24.71 -8.91 46.31
C LEU B 160 25.96 -8.30 46.93
N LEU B 161 25.79 -7.35 47.85
CA LEU B 161 26.89 -6.56 48.42
C LEU B 161 28.09 -7.37 48.93
N PRO B 162 27.83 -8.51 49.60
CA PRO B 162 28.95 -9.36 50.00
C PRO B 162 29.83 -9.79 48.82
N VAL B 163 29.20 -10.12 47.69
CA VAL B 163 29.93 -10.57 46.51
C VAL B 163 30.70 -9.42 45.85
N MET B 164 30.14 -8.22 45.89
CA MET B 164 30.85 -7.06 45.39
C MET B 164 32.07 -6.80 46.26
N CYS B 165 31.85 -6.75 47.57
CA CYS B 165 32.95 -6.56 48.50
C CYS B 165 34.04 -7.60 48.24
N ASP B 166 33.65 -8.87 48.20
CA ASP B 166 34.63 -9.95 48.04
C ASP B 166 35.40 -9.79 46.73
N ARG B 167 34.68 -9.58 45.64
CA ARG B 167 35.32 -9.49 44.34
C ARG B 167 36.21 -8.26 44.19
N ALA B 168 35.89 -7.20 44.91
CA ALA B 168 36.73 -6.01 44.91
C ALA B 168 37.86 -6.10 45.94
N GLY B 169 37.97 -7.24 46.63
CA GLY B 169 39.01 -7.44 47.64
C GLY B 169 38.84 -6.61 48.91
N PHE B 170 37.60 -6.18 49.19
CA PHE B 170 37.29 -5.43 50.40
C PHE B 170 36.90 -6.39 51.52
N ILE B 171 36.95 -5.90 52.75
CA ILE B 171 36.48 -6.68 53.90
C ILE B 171 34.98 -6.82 53.77
N GLN B 172 34.40 -7.87 54.33
CA GLN B 172 32.94 -8.00 54.35
C GLN B 172 32.31 -6.79 55.02
N ASP B 173 31.06 -6.53 54.68
CA ASP B 173 30.28 -5.46 55.31
C ASP B 173 30.93 -4.07 55.15
N THR B 174 31.78 -3.91 54.15
CA THR B 174 32.26 -2.58 53.78
C THR B 174 31.10 -1.85 53.13
N SER B 175 30.86 -0.62 53.56
CA SER B 175 29.74 0.18 53.05
C SER B 175 30.07 0.69 51.66
N LEU B 176 29.19 0.36 50.71
CA LEU B 176 29.39 0.68 49.29
C LEU B 176 28.30 1.59 48.74
N ILE B 177 28.67 2.38 47.72
CA ILE B 177 27.71 3.17 46.94
C ILE B 177 27.54 2.52 45.56
N LEU B 178 26.31 2.15 45.22
CA LEU B 178 26.02 1.46 43.97
C LEU B 178 25.37 2.36 42.92
N TYR B 179 25.94 2.37 41.72
CA TYR B 179 25.35 3.04 40.56
C TYR B 179 24.98 2.02 39.49
N GLU B 180 24.10 2.43 38.57
CA GLU B 180 23.86 1.66 37.35
C GLU B 180 24.46 2.42 36.18
N GLU B 181 25.40 1.79 35.49
CA GLU B 181 25.93 2.34 34.25
C GLU B 181 24.86 2.12 33.20
N VAL B 182 24.09 3.16 32.89
CA VAL B 182 22.94 3.02 32.01
C VAL B 182 23.34 3.17 30.56
N LYS B 183 23.98 4.30 30.26
CA LYS B 183 24.57 4.55 28.95
C LYS B 183 25.67 5.58 29.12
N PRO B 184 26.39 5.91 28.05
CA PRO B 184 27.41 6.92 28.22
C PRO B 184 26.76 8.23 28.64
N ASN B 185 27.30 8.82 29.72
CA ASN B 185 26.82 10.08 30.28
C ASN B 185 25.54 9.99 31.11
N LEU B 186 25.16 8.79 31.52
CA LEU B 186 24.06 8.63 32.46
C LEU B 186 24.41 7.49 33.40
N THR B 187 24.76 7.86 34.63
CA THR B 187 25.08 6.89 35.66
C THR B 187 24.16 7.16 36.86
N GLU B 188 23.03 6.47 36.89
CA GLU B 188 22.01 6.66 37.92
C GLU B 188 22.42 5.92 39.19
N ARG B 189 22.36 6.60 40.34
CA ARG B 189 22.63 5.95 41.61
C ARG B 189 21.46 5.08 42.04
N ILE B 190 21.77 3.92 42.59
CA ILE B 190 20.77 3.05 43.19
C ILE B 190 20.53 3.55 44.61
N GLN B 191 19.28 3.94 44.90
CA GLN B 191 18.93 4.57 46.18
C GLN B 191 18.64 3.55 47.28
N ASP B 192 17.59 2.76 47.10
CA ASP B 192 17.14 1.80 48.11
C ASP B 192 17.66 0.40 47.77
N TYR B 193 18.54 -0.14 48.61
CA TYR B 193 19.07 -1.49 48.40
C TYR B 193 18.09 -2.58 48.86
N ASP B 194 17.01 -2.18 49.52
CA ASP B 194 16.03 -3.14 50.04
C ASP B 194 14.84 -3.33 49.09
N VAL B 195 15.13 -3.32 47.78
CA VAL B 195 14.17 -3.74 46.76
C VAL B 195 14.85 -4.76 45.85
N SER B 196 14.04 -5.47 45.08
CA SER B 196 14.54 -6.49 44.18
C SER B 196 15.14 -5.86 42.93
N LEU B 197 15.96 -6.65 42.23
CA LEU B 197 16.70 -6.19 41.06
C LEU B 197 15.82 -5.54 40.01
N ASP B 198 14.67 -6.16 39.72
CA ASP B 198 13.74 -5.61 38.74
C ASP B 198 13.23 -4.21 39.11
N LYS B 199 13.10 -3.95 40.41
CA LYS B 199 12.70 -2.64 40.90
C LYS B 199 13.92 -1.72 41.10
N ALA B 200 15.04 -2.29 41.51
CA ALA B 200 16.26 -1.51 41.79
C ALA B 200 16.86 -0.89 40.53
N LEU B 201 16.93 -1.67 39.46
CA LEU B 201 17.44 -1.16 38.19
C LEU B 201 16.36 -0.52 37.33
N ASP B 202 16.79 0.37 36.45
CA ASP B 202 15.89 1.16 35.62
C ASP B 202 15.03 0.26 34.72
N GLU B 203 15.70 -0.64 33.99
CA GLU B 203 15.03 -1.54 33.05
C GLU B 203 15.82 -2.83 33.00
N LEU B 204 15.43 -3.79 33.83
CA LEU B 204 16.27 -4.96 34.10
C LEU B 204 16.49 -5.73 32.81
N MET B 205 17.75 -6.04 32.54
CA MET B 205 18.12 -6.83 31.38
C MET B 205 19.47 -7.50 31.62
N ASP B 206 19.88 -8.42 30.75
CA ASP B 206 21.01 -9.27 31.05
C ASP B 206 22.39 -8.63 30.84
N GLY B 207 22.44 -7.47 30.21
CA GLY B 207 23.71 -6.76 30.06
C GLY B 207 23.94 -5.71 31.13
N ASP B 208 22.99 -5.56 32.04
CA ASP B 208 22.98 -4.42 32.95
C ASP B 208 24.25 -4.41 33.79
N ILE B 209 24.68 -3.21 34.17
CA ILE B 209 25.96 -3.02 34.86
C ILE B 209 25.82 -2.24 36.17
N ILE B 210 26.14 -2.88 37.28
CA ILE B 210 26.28 -2.15 38.54
C ILE B 210 27.74 -1.78 38.67
N VAL B 211 28.00 -0.49 38.85
CA VAL B 211 29.31 -0.01 39.25
C VAL B 211 29.20 0.25 40.75
N PHE B 212 30.27 0.01 41.50
CA PHE B 212 30.24 0.25 42.95
C PHE B 212 31.55 0.80 43.50
N GLN B 213 31.45 1.52 44.61
CA GLN B 213 32.62 2.09 45.27
C GLN B 213 32.40 2.13 46.77
N LYS B 214 33.49 2.33 47.51
CA LYS B 214 33.43 2.50 48.97
C LYS B 214 32.72 3.80 49.34
N ASP B 215 31.83 3.75 50.34
CA ASP B 215 31.33 4.97 50.95
C ASP B 215 32.41 5.38 51.94
N ASP B 216 33.01 6.53 51.70
CA ASP B 216 34.20 6.94 52.43
C ASP B 216 34.41 8.44 52.24
N PRO B 217 34.51 9.20 53.35
CA PRO B 217 34.87 10.62 53.20
C PRO B 217 36.27 10.86 52.62
N GLU B 218 37.16 9.86 52.76
CA GLU B 218 38.53 9.92 52.26
C GLU B 218 38.66 10.11 50.74
N ASN B 219 37.62 9.76 49.99
CA ASN B 219 37.64 9.90 48.54
C ASN B 219 37.08 11.24 48.02
N ASP B 220 36.75 12.16 48.93
CA ASP B 220 36.38 13.51 48.53
C ASP B 220 37.59 14.33 48.10
N ASN B 221 38.77 13.92 48.56
CA ASN B 221 40.03 14.58 48.17
C ASN B 221 40.39 14.39 46.72
N SER B 222 39.88 13.32 46.11
CA SER B 222 40.26 12.97 44.74
C SER B 222 39.59 13.85 43.68
N GLU B 223 40.23 13.87 42.52
CA GLU B 223 39.80 14.64 41.36
C GLU B 223 38.34 14.34 40.99
N LEU B 224 37.96 13.06 40.99
CA LEU B 224 36.57 12.62 40.72
C LEU B 224 36.11 11.63 41.80
N PRO B 225 35.39 12.14 42.83
CA PRO B 225 34.95 11.32 43.96
C PRO B 225 33.99 10.19 43.64
N THR B 226 32.98 10.44 42.82
CA THR B 226 31.98 9.42 42.51
C THR B 226 32.16 8.86 41.11
N ALA B 227 31.71 7.62 40.94
CA ALA B 227 31.65 7.00 39.63
C ALA B 227 30.85 7.87 38.67
N LYS B 228 29.71 8.39 39.14
CA LYS B 228 28.83 9.23 38.32
C LYS B 228 29.62 10.36 37.68
N GLU B 229 30.43 11.04 38.49
CA GLU B 229 31.29 12.10 37.99
C GLU B 229 32.33 11.56 37.01
N TYR B 230 32.93 10.41 37.34
CA TYR B 230 33.97 9.80 36.48
C TYR B 230 33.50 9.60 35.05
N PHE B 231 32.33 8.97 34.89
CA PHE B 231 31.77 8.73 33.57
C PHE B 231 31.45 10.03 32.83
N ARG B 232 30.97 11.05 33.56
CA ARG B 232 30.76 12.38 33.00
C ARG B 232 32.08 12.97 32.47
N ASP B 233 33.19 12.69 33.16
CA ASP B 233 34.50 13.09 32.67
C ASP B 233 34.84 12.37 31.36
N LEU B 234 34.76 11.04 31.36
CA LEU B 234 35.12 10.22 30.19
C LEU B 234 34.31 10.66 28.98
N TYR B 235 33.03 10.96 29.21
CA TYR B 235 32.13 11.34 28.15
C TYR B 235 32.64 12.55 27.37
N HIS B 236 33.26 13.49 28.08
CA HIS B 236 33.75 14.72 27.47
C HIS B 236 35.23 14.69 27.13
N ARG B 237 35.99 13.81 27.77
CA ARG B 237 37.40 13.66 27.44
C ARG B 237 37.55 13.53 25.92
N VAL B 238 38.47 14.30 25.36
CA VAL B 238 38.83 14.22 23.94
C VAL B 238 40.29 14.62 23.77
N ASP B 239 41.00 13.90 22.90
CA ASP B 239 42.44 14.11 22.74
C ASP B 239 42.73 14.79 21.41
N VAL B 240 43.26 16.00 21.49
CA VAL B 240 43.48 16.87 20.33
C VAL B 240 44.97 16.97 20.00
N ILE B 241 45.26 17.08 18.71
CA ILE B 241 46.64 17.11 18.21
C ILE B 241 47.01 18.52 17.82
N PHE B 242 48.09 19.04 18.40
CA PHE B 242 48.51 20.43 18.17
C PHE B 242 49.77 20.54 17.32
N CYS B 243 49.63 21.15 16.14
CA CYS B 243 50.69 21.23 15.14
C CYS B 243 51.04 22.68 14.80
N ASP B 244 52.34 23.00 14.78
CA ASP B 244 52.81 24.36 14.50
C ASP B 244 52.78 24.65 12.99
N LYS B 245 52.07 25.72 12.60
CA LYS B 245 51.94 26.10 11.19
C LYS B 245 53.27 26.56 10.59
N THR B 246 54.05 27.31 11.37
CA THR B 246 55.36 27.82 10.91
C THR B 246 56.41 26.71 10.75
N ILE B 247 56.15 25.54 11.33
CA ILE B 247 56.96 24.34 11.12
C ILE B 247 56.13 23.34 10.31
N PRO B 248 56.27 23.35 8.96
CA PRO B 248 55.59 22.34 8.14
C PRO B 248 56.10 20.92 8.42
N ASN B 249 55.22 19.93 8.24
CA ASN B 249 55.52 18.53 8.56
C ASN B 249 55.83 18.33 10.05
N ASP B 250 54.96 18.90 10.90
CA ASP B 250 55.06 18.78 12.35
C ASP B 250 54.02 17.76 12.81
N PRO B 251 54.45 16.71 13.55
CA PRO B 251 53.48 15.73 14.02
C PRO B 251 52.63 16.17 15.22
N GLY B 252 53.27 16.78 16.22
CA GLY B 252 52.65 17.02 17.53
C GLY B 252 53.12 15.90 18.47
N PHE B 253 52.81 15.92 19.77
CA PHE B 253 52.01 16.90 20.54
C PHE B 253 50.53 16.50 20.60
N VAL B 254 50.15 15.87 21.71
CA VAL B 254 48.77 15.43 21.95
C VAL B 254 48.36 15.80 23.36
N VAL B 255 47.22 16.50 23.49
CA VAL B 255 46.73 17.00 24.78
C VAL B 255 45.31 16.48 25.05
N THR B 256 45.00 16.24 26.33
CA THR B 256 43.70 15.71 26.74
C THR B 256 42.79 16.82 27.30
N LEU B 257 41.69 17.09 26.59
CA LEU B 257 40.82 18.23 26.89
C LEU B 257 39.37 17.81 27.00
N SER B 258 38.50 18.77 27.31
CA SER B 258 37.06 18.55 27.27
C SER B 258 36.42 19.32 26.13
N ASN B 259 35.32 18.79 25.60
CA ASN B 259 34.46 19.52 24.69
C ASN B 259 34.02 20.82 25.35
N ARG B 260 33.79 20.73 26.65
CA ARG B 260 33.35 21.83 27.49
C ARG B 260 34.27 23.05 27.48
N MET B 261 35.57 22.80 27.51
CA MET B 261 36.56 23.86 27.58
C MET B 261 36.31 25.01 26.59
N ASN B 262 36.50 26.23 27.08
CA ASN B 262 36.46 27.43 26.24
C ASN B 262 37.87 27.81 25.79
N TYR B 263 38.00 28.90 25.04
CA TYR B 263 39.31 29.29 24.47
C TYR B 263 40.40 29.49 25.52
N PHE B 264 40.09 30.21 26.60
CA PHE B 264 41.08 30.48 27.65
C PHE B 264 41.63 29.17 28.21
N GLN B 265 40.72 28.23 28.47
CA GLN B 265 41.08 26.94 29.06
C GLN B 265 41.94 26.10 28.12
N VAL B 266 41.56 26.05 26.83
CA VAL B 266 42.40 25.39 25.83
C VAL B 266 43.76 26.08 25.76
N ALA B 267 43.73 27.41 25.72
CA ALA B 267 44.94 28.20 25.56
C ALA B 267 45.92 28.01 26.71
N LYS B 268 45.42 28.11 27.94
CA LYS B 268 46.28 28.05 29.13
C LYS B 268 46.91 26.66 29.34
N THR B 269 46.21 25.61 28.89
CA THR B 269 46.69 24.22 29.06
C THR B 269 47.69 23.81 27.98
N VAL B 270 47.52 24.33 26.78
CA VAL B 270 48.52 24.13 25.73
C VAL B 270 49.77 24.94 26.10
N ALA B 271 49.54 26.13 26.68
CA ALA B 271 50.61 27.02 27.12
C ALA B 271 51.44 26.41 28.26
N GLN B 272 50.77 25.73 29.18
CA GLN B 272 51.46 25.02 30.27
C GLN B 272 52.22 23.77 29.79
N ARG B 273 52.12 23.44 28.50
CA ARG B 273 52.88 22.35 27.90
C ARG B 273 54.00 22.84 27.00
N LEU B 274 53.74 23.89 26.22
CA LEU B 274 54.74 24.49 25.34
C LEU B 274 55.73 25.40 26.09
N ASN B 275 55.41 25.72 27.34
CA ASN B 275 56.25 26.59 28.19
C ASN B 275 56.34 28.01 27.65
N THR B 276 55.16 28.62 27.43
CA THR B 276 55.05 30.00 26.94
C THR B 276 53.76 30.63 27.46
N ASP B 277 53.54 31.89 27.09
CA ASP B 277 52.29 32.59 27.42
C ASP B 277 51.12 32.08 26.57
N PRO B 278 49.89 32.10 27.13
CA PRO B 278 48.70 31.81 26.33
C PRO B 278 48.33 32.97 25.40
N MET B 279 48.89 34.15 25.67
CA MET B 279 48.74 35.32 24.80
C MET B 279 49.67 35.25 23.59
N LEU B 280 50.71 34.42 23.66
CA LEU B 280 51.64 34.22 22.55
C LEU B 280 51.22 33.10 21.61
N LEU B 281 50.08 32.47 21.87
CA LEU B 281 49.57 31.39 21.02
C LEU B 281 48.49 31.88 20.07
N GLN B 282 48.48 31.36 18.85
CA GLN B 282 47.48 31.70 17.83
C GLN B 282 46.98 30.43 17.14
N PHE B 283 45.76 30.01 17.46
CA PHE B 283 45.22 28.74 16.95
C PHE B 283 44.48 28.92 15.63
N PHE B 284 44.28 27.79 14.93
CA PHE B 284 43.58 27.77 13.65
C PHE B 284 42.58 26.60 13.53
N LYS B 285 41.29 26.91 13.51
CA LYS B 285 40.28 25.96 13.02
C LYS B 285 40.26 26.13 11.50
N SER B 286 40.03 25.09 10.72
CA SER B 286 39.79 23.69 11.13
C SER B 286 39.83 22.87 9.83
N GLN B 287 39.62 21.56 9.92
CA GLN B 287 39.67 20.72 8.70
C GLN B 287 39.03 19.33 8.87
N GLY B 288 37.85 19.13 8.28
CA GLY B 288 37.10 17.88 8.42
C GLY B 288 36.60 17.32 7.09
N TYR B 289 37.46 16.63 6.33
CA TYR B 289 38.87 16.38 6.68
C TYR B 289 39.82 16.87 5.59
N ARG B 290 39.49 18.03 4.99
CA ARG B 290 40.39 18.67 4.04
C ARG B 290 41.55 19.28 4.84
N ASP B 291 42.50 18.43 5.21
CA ASP B 291 43.56 18.79 6.16
C ASP B 291 44.28 20.08 5.78
N GLY B 292 44.59 20.88 6.79
CA GLY B 292 45.25 22.17 6.62
C GLY B 292 44.59 23.23 7.48
N PRO B 293 45.38 24.19 7.97
CA PRO B 293 44.82 25.26 8.81
C PRO B 293 43.86 26.17 8.02
N GLY B 294 43.07 26.95 8.74
CA GLY B 294 42.12 27.87 8.13
C GLY B 294 42.00 29.17 8.89
N ASN B 295 40.77 29.57 9.21
CA ASN B 295 40.51 30.81 9.94
C ASN B 295 41.15 30.84 11.32
N PRO B 296 41.91 31.91 11.62
CA PRO B 296 42.57 31.96 12.92
C PRO B 296 41.59 32.35 14.01
N LEU B 297 41.76 31.76 15.18
CA LEU B 297 40.82 31.99 16.27
C LEU B 297 41.15 33.28 17.01
N ARG B 298 40.19 34.19 17.03
CA ARG B 298 40.23 35.34 17.93
C ARG B 298 40.14 34.85 19.37
N HIS B 299 40.95 35.44 20.25
CA HIS B 299 41.01 35.02 21.66
C HIS B 299 39.72 35.27 22.46
N ASN B 300 38.74 35.94 21.86
CA ASN B 300 37.41 36.10 22.46
C ASN B 300 36.39 35.11 21.89
N TYR B 301 36.87 33.94 21.45
CA TYR B 301 36.02 32.92 20.84
C TYR B 301 34.96 32.44 21.83
N GLU B 302 33.70 32.76 21.54
CA GLU B 302 32.58 32.48 22.46
C GLU B 302 32.13 31.00 22.47
N GLY B 303 32.58 30.22 21.49
CA GLY B 303 32.26 28.79 21.44
C GLY B 303 33.10 27.98 22.42
N THR B 304 33.10 26.66 22.22
CA THR B 304 33.87 25.73 23.06
C THR B 304 34.55 24.69 22.17
N LEU B 305 35.40 23.85 22.77
CA LEU B 305 36.19 22.89 21.99
C LEU B 305 35.33 21.93 21.19
N ARG B 306 34.15 21.57 21.70
CA ARG B 306 33.20 20.72 20.95
C ARG B 306 32.84 21.36 19.61
N ASP B 307 32.68 22.68 19.64
CA ASP B 307 32.31 23.45 18.45
C ASP B 307 33.48 23.52 17.47
N LEU B 308 34.70 23.63 17.99
CA LEU B 308 35.90 23.71 17.16
C LEU B 308 36.16 22.40 16.40
N LEU B 309 35.86 21.27 17.04
CA LEU B 309 36.11 19.96 16.47
C LEU B 309 34.84 19.37 15.87
N GLN B 310 33.97 20.24 15.36
CA GLN B 310 32.63 19.84 14.94
C GLN B 310 32.64 19.11 13.60
N PHE B 311 33.52 19.55 12.71
CA PHE B 311 33.50 19.08 11.32
C PHE B 311 34.26 17.77 11.12
N PHE B 312 34.91 17.26 12.18
CA PHE B 312 35.64 16.01 12.09
C PHE B 312 34.72 14.79 12.00
N LYS B 313 35.02 13.88 11.08
CA LYS B 313 34.33 12.60 10.98
C LYS B 313 34.74 11.72 12.18
N PRO B 314 33.80 10.90 12.70
CA PRO B 314 33.91 10.29 14.04
C PRO B 314 35.19 9.51 14.32
N ARG B 315 35.63 8.69 13.38
CA ARG B 315 36.84 7.88 13.54
C ARG B 315 38.08 8.55 12.94
N GLN B 316 38.13 9.88 12.97
CA GLN B 316 39.29 10.65 12.50
C GLN B 316 39.97 11.34 13.67
N PRO B 317 41.28 11.61 13.55
CA PRO B 317 42.00 12.31 14.62
C PRO B 317 41.70 13.80 14.61
N LYS B 318 41.75 14.40 15.80
CA LYS B 318 41.49 15.83 15.94
C LYS B 318 42.80 16.60 15.88
N LYS B 319 43.01 17.32 14.79
CA LYS B 319 44.17 18.20 14.63
C LYS B 319 43.73 19.67 14.70
N LEU B 320 44.42 20.45 15.53
CA LEU B 320 44.30 21.91 15.50
C LEU B 320 45.69 22.52 15.32
N TYR B 321 45.81 23.46 14.40
CA TYR B 321 47.08 24.11 14.16
C TYR B 321 47.24 25.36 15.04
N TYR B 322 48.47 25.64 15.44
CA TYR B 322 48.78 26.80 16.27
C TYR B 322 50.02 27.56 15.76
N GLN B 323 50.27 28.72 16.36
CA GLN B 323 51.45 29.52 16.01
C GLN B 323 51.93 30.30 17.23
N GLN B 324 53.24 30.27 17.47
CA GLN B 324 53.85 31.05 18.54
C GLN B 324 54.11 32.48 18.04
N LEU B 325 53.74 33.45 18.86
CA LEU B 325 53.84 34.87 18.49
C LEU B 325 55.06 35.53 19.12
N LYS B 326 55.51 36.63 18.50
CA LYS B 326 56.65 37.39 18.98
C LYS B 326 56.30 38.18 20.25
N MET B 327 57.26 38.33 21.14
CA MET B 327 57.07 39.16 22.34
C MET B 327 57.81 40.50 22.25
N LYS B 328 58.48 40.75 21.13
CA LYS B 328 59.13 42.03 20.82
C LYS B 328 59.34 42.13 19.31
N ILE B 329 58.99 43.29 18.72
CA ILE B 329 59.05 43.46 17.26
C ILE B 329 60.46 43.82 16.77
N HIS C 6 1.12 -15.74 -31.97
CA HIS C 6 1.58 -14.61 -32.83
C HIS C 6 0.63 -13.42 -32.69
N LEU C 7 1.10 -12.23 -33.07
CA LEU C 7 0.33 -10.99 -32.93
C LEU C 7 -0.36 -10.56 -34.25
N TYR C 8 -0.87 -11.55 -34.98
CA TYR C 8 -1.55 -11.34 -36.25
C TYR C 8 -2.81 -12.21 -36.31
N MET C 9 -3.91 -11.63 -36.79
CA MET C 9 -5.19 -12.36 -36.93
C MET C 9 -5.61 -12.46 -38.39
N GLN C 10 -6.41 -13.49 -38.69
CA GLN C 10 -6.87 -13.76 -40.07
C GLN C 10 -8.33 -13.34 -40.27
N VAL C 11 -8.53 -12.24 -41.00
CA VAL C 11 -9.87 -11.73 -41.29
C VAL C 11 -10.36 -12.28 -42.64
N GLN C 12 -11.46 -13.02 -42.60
CA GLN C 12 -12.02 -13.64 -43.79
C GLN C 12 -13.23 -12.87 -44.29
N ILE C 13 -13.09 -12.25 -45.46
CA ILE C 13 -14.18 -11.51 -46.08
C ILE C 13 -14.98 -12.45 -46.98
N VAL C 14 -16.30 -12.47 -46.79
CA VAL C 14 -17.21 -13.21 -47.67
C VAL C 14 -18.14 -12.24 -48.41
N ALA C 15 -18.05 -12.22 -49.73
CA ALA C 15 -18.89 -11.33 -50.54
C ALA C 15 -20.25 -11.97 -50.79
N GLU C 16 -21.26 -11.15 -51.05
CA GLU C 16 -22.64 -11.64 -51.16
C GLU C 16 -22.84 -12.67 -52.27
N ASP C 17 -21.94 -12.72 -53.25
CA ASP C 17 -22.06 -13.70 -54.35
C ASP C 17 -22.01 -15.15 -53.84
N GLN C 18 -21.40 -15.34 -52.66
CA GLN C 18 -21.31 -16.66 -52.02
C GLN C 18 -22.64 -17.17 -51.47
N PHE C 19 -23.62 -16.29 -51.29
CA PHE C 19 -24.92 -16.68 -50.75
C PHE C 19 -25.88 -17.15 -51.83
N CYS C 20 -25.46 -17.08 -53.10
CA CYS C 20 -26.34 -17.45 -54.21
C CYS C 20 -26.37 -18.96 -54.39
N GLY C 21 -27.58 -19.49 -54.53
CA GLY C 21 -27.79 -20.92 -54.77
C GLY C 21 -27.61 -21.82 -53.55
N HIS C 22 -27.21 -21.25 -52.42
CA HIS C 22 -27.01 -22.05 -51.21
C HIS C 22 -28.33 -22.66 -50.78
N GLN C 23 -28.34 -23.99 -50.68
CA GLN C 23 -29.55 -24.76 -50.41
C GLN C 23 -29.78 -25.07 -48.94
N GLY C 24 -28.75 -24.86 -48.11
CA GLY C 24 -28.84 -25.15 -46.68
C GLY C 24 -29.32 -23.97 -45.84
N ASN C 25 -29.16 -24.10 -44.51
CA ASN C 25 -29.44 -23.02 -43.58
C ASN C 25 -28.33 -21.98 -43.60
N ASP C 26 -28.65 -20.76 -43.18
CA ASP C 26 -27.64 -19.71 -42.97
C ASP C 26 -26.75 -19.47 -44.17
N MET C 27 -27.19 -18.61 -45.09
CA MET C 27 -26.34 -18.08 -46.16
C MET C 27 -24.88 -18.56 -46.17
N TYR C 28 -24.56 -19.41 -47.13
CA TYR C 28 -23.22 -19.99 -47.36
C TYR C 28 -22.82 -21.18 -46.46
N ASP C 29 -22.23 -22.19 -47.10
CA ASP C 29 -21.76 -23.41 -46.44
C ASP C 29 -20.26 -23.30 -46.27
N GLU C 30 -19.76 -23.59 -45.07
CA GLU C 30 -18.33 -23.49 -44.78
C GLU C 30 -17.47 -24.39 -45.67
N GLU C 31 -18.02 -25.53 -46.08
CA GLU C 31 -17.34 -26.45 -46.99
C GLU C 31 -17.07 -25.78 -48.36
N LYS C 32 -18.12 -25.24 -48.98
CA LYS C 32 -18.04 -24.71 -50.35
C LYS C 32 -17.47 -23.29 -50.47
N VAL C 33 -17.68 -22.46 -49.44
CA VAL C 33 -17.43 -20.99 -49.50
C VAL C 33 -16.03 -20.56 -49.94
N LYS C 34 -15.96 -19.39 -50.59
CA LYS C 34 -14.70 -18.77 -50.98
C LYS C 34 -14.53 -17.41 -50.29
N TYR C 35 -13.41 -17.22 -49.59
CA TYR C 35 -13.13 -15.96 -48.88
C TYR C 35 -12.11 -15.10 -49.62
N THR C 36 -12.00 -13.84 -49.19
CA THR C 36 -10.90 -12.97 -49.56
C THR C 36 -10.14 -12.67 -48.27
N VAL C 37 -9.01 -13.35 -48.07
CA VAL C 37 -8.36 -13.39 -46.77
C VAL C 37 -7.33 -12.30 -46.58
N PHE C 38 -7.19 -11.84 -45.34
CA PHE C 38 -6.21 -10.82 -44.94
C PHE C 38 -5.41 -11.30 -43.73
N LYS C 39 -4.19 -10.78 -43.56
CA LYS C 39 -3.41 -10.95 -42.34
C LYS C 39 -3.27 -9.60 -41.67
N VAL C 40 -4.21 -9.29 -40.77
CA VAL C 40 -4.22 -8.02 -40.04
C VAL C 40 -3.54 -8.16 -38.68
N LEU C 41 -2.91 -7.08 -38.21
CA LEU C 41 -2.36 -7.03 -36.87
C LEU C 41 -3.49 -7.04 -35.85
N LYS C 42 -3.40 -7.92 -34.86
CA LYS C 42 -4.43 -8.02 -33.82
C LYS C 42 -4.73 -6.66 -33.18
N ASN C 43 -3.69 -5.86 -32.95
CA ASN C 43 -3.85 -4.56 -32.28
C ASN C 43 -3.99 -3.37 -33.23
N SER C 44 -4.30 -3.63 -34.50
CA SER C 44 -4.55 -2.55 -35.46
C SER C 44 -5.96 -1.99 -35.28
N SER C 45 -6.22 -0.83 -35.88
CA SER C 45 -7.54 -0.22 -35.79
C SER C 45 -8.51 -0.82 -36.81
N LEU C 46 -9.76 -0.38 -36.74
CA LEU C 46 -10.74 -0.66 -37.78
C LEU C 46 -10.42 0.21 -38.98
N ALA C 47 -10.22 1.51 -38.71
CA ALA C 47 -9.97 2.50 -39.77
C ALA C 47 -8.73 2.16 -40.62
N GLU C 48 -7.73 1.55 -39.98
CA GLU C 48 -6.56 1.06 -40.69
C GLU C 48 -6.94 -0.09 -41.61
N PHE C 49 -7.82 -0.95 -41.11
CA PHE C 49 -8.29 -2.10 -41.87
C PHE C 49 -9.27 -1.74 -42.99
N VAL C 50 -10.18 -0.81 -42.72
CA VAL C 50 -11.18 -0.41 -43.71
C VAL C 50 -10.50 0.31 -44.89
N GLN C 51 -9.51 1.15 -44.61
CA GLN C 51 -8.75 1.83 -45.66
C GLN C 51 -8.18 0.81 -46.65
N SER C 52 -7.42 -0.15 -46.12
CA SER C 52 -6.78 -1.17 -46.96
C SER C 52 -7.78 -2.15 -47.58
N LEU C 53 -8.89 -2.42 -46.89
CA LEU C 53 -9.95 -3.26 -47.45
C LEU C 53 -10.66 -2.55 -48.59
N SER C 54 -10.76 -1.22 -48.48
CA SER C 54 -11.33 -0.42 -49.56
C SER C 54 -10.46 -0.56 -50.79
N GLN C 55 -9.16 -0.35 -50.60
CA GLN C 55 -8.21 -0.28 -51.69
C GLN C 55 -7.95 -1.63 -52.36
N THR C 56 -7.97 -2.71 -51.59
CA THR C 56 -7.78 -4.06 -52.13
C THR C 56 -9.01 -4.58 -52.89
N MET C 57 -10.20 -4.12 -52.49
CA MET C 57 -11.43 -4.61 -53.10
C MET C 57 -12.11 -3.58 -54.00
N GLY C 58 -11.40 -2.49 -54.27
CA GLY C 58 -11.85 -1.50 -55.26
C GLY C 58 -12.76 -0.42 -54.73
N PHE C 59 -13.69 -0.80 -53.86
CA PHE C 59 -14.72 0.12 -53.38
C PHE C 59 -14.15 1.20 -52.47
N PRO C 60 -14.69 2.44 -52.57
CA PRO C 60 -14.40 3.50 -51.59
C PRO C 60 -14.85 3.13 -50.17
N GLN C 61 -14.74 4.09 -49.25
CA GLN C 61 -15.30 3.93 -47.90
C GLN C 61 -16.83 3.91 -47.98
N ASP C 62 -17.39 4.72 -48.89
CA ASP C 62 -18.81 4.59 -49.27
C ASP C 62 -18.91 3.29 -50.04
N GLN C 63 -20.15 2.92 -50.40
CA GLN C 63 -20.38 1.72 -51.21
C GLN C 63 -20.00 0.39 -50.51
N ILE C 64 -19.61 0.42 -49.24
CA ILE C 64 -19.42 -0.80 -48.44
C ILE C 64 -19.97 -0.67 -47.02
N ARG C 65 -20.21 -1.84 -46.41
CA ARG C 65 -20.54 -1.93 -44.98
C ARG C 65 -20.15 -3.30 -44.44
N LEU C 66 -19.43 -3.28 -43.33
CA LEU C 66 -18.95 -4.52 -42.70
C LEU C 66 -20.00 -5.09 -41.73
N TRP C 67 -20.33 -6.37 -41.91
CA TRP C 67 -21.19 -7.10 -40.99
C TRP C 67 -20.45 -8.33 -40.51
N PRO C 68 -19.85 -8.27 -39.31
CA PRO C 68 -19.15 -9.42 -38.77
C PRO C 68 -20.06 -10.63 -38.61
N MET C 69 -19.58 -11.78 -39.08
CA MET C 69 -20.31 -13.03 -38.92
C MET C 69 -20.12 -13.55 -37.50
N GLN C 70 -21.24 -13.76 -36.81
CA GLN C 70 -21.26 -14.07 -35.38
C GLN C 70 -21.87 -15.43 -35.14
N ALA C 71 -21.02 -16.41 -34.81
CA ALA C 71 -21.48 -17.76 -34.50
C ALA C 71 -22.22 -17.74 -33.17
N ARG C 72 -23.38 -18.40 -33.12
CA ARG C 72 -24.25 -18.31 -31.96
C ARG C 72 -24.55 -19.66 -31.33
N SER C 73 -25.04 -19.60 -30.10
CA SER C 73 -25.32 -20.77 -29.29
C SER C 73 -26.51 -21.58 -29.81
N ASN C 74 -27.32 -21.00 -30.70
CA ASN C 74 -28.48 -21.69 -31.30
C ASN C 74 -28.21 -22.40 -32.62
N GLY C 75 -26.94 -22.72 -32.90
CA GLY C 75 -26.55 -23.47 -34.08
C GLY C 75 -26.61 -22.67 -35.38
N THR C 76 -26.27 -21.38 -35.29
CA THR C 76 -26.27 -20.51 -36.46
C THR C 76 -25.05 -19.60 -36.50
N LYS C 77 -24.68 -19.19 -37.71
CA LYS C 77 -23.75 -18.07 -37.93
C LYS C 77 -24.48 -17.07 -38.84
N ARG C 78 -24.67 -15.86 -38.34
CA ARG C 78 -25.38 -14.83 -39.07
C ARG C 78 -24.58 -13.53 -39.11
N PRO C 79 -24.85 -12.68 -40.10
CA PRO C 79 -24.30 -11.33 -40.09
C PRO C 79 -24.76 -10.54 -38.87
N ALA C 80 -23.85 -9.74 -38.31
CA ALA C 80 -24.16 -8.87 -37.17
C ALA C 80 -23.55 -7.49 -37.38
N MET C 81 -24.06 -6.52 -36.62
CA MET C 81 -23.45 -5.18 -36.55
C MET C 81 -22.14 -5.28 -35.78
N LEU C 82 -21.48 -4.14 -35.57
CA LEU C 82 -20.24 -4.13 -34.79
C LEU C 82 -20.47 -3.53 -33.42
N ASP C 83 -20.22 -4.33 -32.38
CA ASP C 83 -20.28 -3.90 -30.98
C ASP C 83 -18.84 -3.74 -30.47
N ASN C 84 -18.29 -2.53 -30.49
CA ASN C 84 -18.99 -1.30 -30.88
C ASN C 84 -18.09 -0.35 -31.68
N GLU C 85 -18.50 -0.04 -32.91
CA GLU C 85 -17.83 0.98 -33.75
C GLU C 85 -17.73 2.31 -33.02
N ALA C 86 -17.08 3.28 -33.65
CA ALA C 86 -17.01 4.67 -33.16
C ALA C 86 -15.97 4.88 -32.07
N ASP C 87 -15.72 3.86 -31.25
CA ASP C 87 -14.56 3.86 -30.36
C ASP C 87 -13.32 3.56 -31.21
N GLY C 88 -12.66 4.63 -31.67
CA GLY C 88 -11.45 4.52 -32.50
C GLY C 88 -10.31 3.79 -31.81
N ASN C 89 -10.28 3.85 -30.48
CA ASN C 89 -9.28 3.14 -29.68
C ASN C 89 -9.49 1.62 -29.58
N LYS C 90 -10.64 1.13 -30.04
CA LYS C 90 -10.97 -0.30 -30.01
C LYS C 90 -10.26 -1.02 -31.16
N THR C 91 -9.51 -2.07 -30.85
CA THR C 91 -8.68 -2.79 -31.83
C THR C 91 -9.43 -3.93 -32.51
N MET C 92 -8.76 -4.56 -33.49
CA MET C 92 -9.39 -5.61 -34.31
C MET C 92 -9.62 -6.92 -33.55
N ILE C 93 -8.70 -7.28 -32.67
CA ILE C 93 -8.87 -8.50 -31.87
C ILE C 93 -10.07 -8.38 -30.92
N GLU C 94 -10.31 -7.16 -30.43
CA GLU C 94 -11.44 -6.88 -29.54
C GLU C 94 -12.76 -6.82 -30.32
N LEU C 95 -12.77 -6.09 -31.43
CA LEU C 95 -13.96 -6.02 -32.30
C LEU C 95 -14.36 -7.39 -32.84
N SER C 96 -13.40 -8.29 -32.91
CA SER C 96 -13.63 -9.70 -33.22
C SER C 96 -14.30 -10.50 -32.11
N ASP C 97 -14.31 -9.96 -30.89
CA ASP C 97 -14.62 -10.71 -29.67
C ASP C 97 -13.59 -11.82 -29.47
N ASN C 98 -12.33 -11.49 -29.77
CA ASN C 98 -11.18 -12.38 -29.59
C ASN C 98 -11.22 -13.67 -30.45
N GLU C 99 -11.98 -13.65 -31.55
CA GLU C 99 -12.10 -14.81 -32.43
C GLU C 99 -11.00 -14.79 -33.50
N ASN C 100 -10.59 -15.98 -33.94
CA ASN C 100 -9.63 -16.14 -35.02
C ASN C 100 -9.73 -17.57 -35.59
N PRO C 101 -10.12 -17.71 -36.88
CA PRO C 101 -10.35 -16.67 -37.90
C PRO C 101 -11.56 -15.81 -37.59
N TRP C 102 -11.65 -14.65 -38.24
CA TRP C 102 -12.79 -13.75 -38.06
C TRP C 102 -13.51 -13.48 -39.37
N THR C 103 -14.62 -14.19 -39.60
CA THR C 103 -15.38 -14.05 -40.84
C THR C 103 -16.22 -12.78 -40.79
N ILE C 104 -16.15 -12.00 -41.87
CA ILE C 104 -16.97 -10.80 -42.01
C ILE C 104 -17.70 -10.85 -43.35
N PHE C 105 -18.97 -10.46 -43.33
CA PHE C 105 -19.75 -10.27 -44.54
C PHE C 105 -19.55 -8.83 -45.01
N LEU C 106 -19.16 -8.68 -46.28
CA LEU C 106 -18.91 -7.37 -46.87
C LEU C 106 -20.02 -7.02 -47.84
N GLU C 107 -20.92 -6.15 -47.42
CA GLU C 107 -22.05 -5.72 -48.24
C GLU C 107 -21.66 -4.47 -49.01
N THR C 108 -21.77 -4.53 -50.34
CA THR C 108 -21.37 -3.43 -51.22
C THR C 108 -22.42 -3.16 -52.29
N VAL C 109 -22.33 -2.00 -52.93
CA VAL C 109 -23.18 -1.68 -54.08
C VAL C 109 -22.97 -2.66 -55.25
N ASP C 110 -24.05 -2.98 -55.96
CA ASP C 110 -24.00 -3.91 -57.10
C ASP C 110 -23.28 -3.27 -58.28
N PRO C 111 -22.15 -3.85 -58.73
CA PRO C 111 -21.28 -3.26 -59.75
C PRO C 111 -21.98 -2.30 -60.73
N GLU C 112 -22.19 -1.07 -60.27
CA GLU C 112 -22.88 -0.04 -61.02
C GLU C 112 -22.59 1.32 -60.37
N LEU C 113 -21.34 1.77 -60.51
CA LEU C 113 -20.88 3.04 -59.93
C LEU C 113 -21.32 4.23 -60.77
N ALA C 118 -22.53 5.88 -57.55
CA ALA C 118 -23.65 5.54 -56.67
C ALA C 118 -23.14 5.02 -55.32
N THR C 119 -23.69 5.55 -54.24
CA THR C 119 -23.32 5.15 -52.88
C THR C 119 -24.42 4.33 -52.26
N LEU C 120 -24.05 3.40 -51.37
CA LEU C 120 -25.03 2.58 -50.66
C LEU C 120 -25.67 3.39 -49.54
N PRO C 121 -26.90 3.03 -49.16
CA PRO C 121 -27.68 3.90 -48.27
C PRO C 121 -27.24 3.88 -46.81
N LYS C 122 -27.61 4.92 -46.08
CA LYS C 122 -27.24 5.09 -44.66
C LYS C 122 -28.09 4.21 -43.75
N PHE C 123 -27.42 3.27 -43.08
CA PHE C 123 -28.10 2.32 -42.20
C PHE C 123 -28.28 2.92 -40.81
N ASP C 124 -29.52 3.09 -40.38
CA ASP C 124 -29.82 3.52 -39.01
C ASP C 124 -29.74 2.30 -38.10
N LYS C 125 -28.65 2.20 -37.33
CA LYS C 125 -28.45 1.05 -36.44
C LYS C 125 -29.58 0.86 -35.41
N ASP C 126 -30.30 1.95 -35.10
CA ASP C 126 -31.34 1.92 -34.07
C ASP C 126 -32.73 1.62 -34.61
N HIS C 127 -33.07 2.16 -35.77
CA HIS C 127 -34.43 2.09 -36.31
C HIS C 127 -34.66 1.07 -37.43
N ASP C 128 -33.59 0.70 -38.13
CA ASP C 128 -33.69 -0.19 -39.27
C ASP C 128 -33.02 -1.51 -38.96
N VAL C 129 -33.42 -2.55 -39.70
CA VAL C 129 -32.83 -3.89 -39.61
C VAL C 129 -32.45 -4.36 -41.02
N MET C 130 -31.46 -5.23 -41.14
CA MET C 130 -31.13 -5.88 -42.40
C MET C 130 -31.68 -7.31 -42.39
N LEU C 131 -32.69 -7.57 -43.21
CA LEU C 131 -33.26 -8.90 -43.35
C LEU C 131 -32.73 -9.57 -44.61
N PHE C 132 -32.72 -10.90 -44.60
CA PHE C 132 -32.36 -11.69 -45.78
C PHE C 132 -33.59 -12.41 -46.33
N LEU C 133 -33.64 -12.57 -47.64
CA LEU C 133 -34.80 -13.18 -48.29
C LEU C 133 -34.39 -14.47 -49.02
N LYS C 134 -35.16 -15.53 -48.80
CA LYS C 134 -34.97 -16.79 -49.52
C LYS C 134 -36.31 -17.21 -50.11
N MET C 135 -36.33 -17.51 -51.41
CA MET C 135 -37.54 -18.00 -52.05
C MET C 135 -37.44 -19.52 -52.14
N TYR C 136 -38.49 -20.22 -51.69
CA TYR C 136 -38.56 -21.68 -51.82
C TYR C 136 -39.53 -22.10 -52.93
N ASP C 137 -39.06 -23.02 -53.77
CA ASP C 137 -39.85 -23.60 -54.85
C ASP C 137 -40.13 -25.08 -54.53
N PRO C 138 -41.39 -25.40 -54.21
CA PRO C 138 -41.78 -26.79 -53.96
C PRO C 138 -41.59 -27.71 -55.17
N LYS C 139 -41.83 -27.18 -56.36
CA LYS C 139 -41.68 -27.96 -57.59
C LYS C 139 -40.26 -28.51 -57.70
N THR C 140 -39.28 -27.61 -57.77
CA THR C 140 -37.88 -28.01 -57.86
C THR C 140 -37.30 -28.45 -56.51
N ARG C 141 -38.03 -28.15 -55.42
CA ARG C 141 -37.58 -28.44 -54.06
C ARG C 141 -36.24 -27.77 -53.79
N SER C 142 -36.15 -26.48 -54.10
CA SER C 142 -34.91 -25.73 -53.92
C SER C 142 -35.15 -24.30 -53.42
N LEU C 143 -34.09 -23.72 -52.86
CA LEU C 143 -34.11 -22.38 -52.32
C LEU C 143 -33.33 -21.42 -53.21
N ASN C 144 -34.01 -20.40 -53.71
CA ASN C 144 -33.38 -19.33 -54.48
C ASN C 144 -33.16 -18.09 -53.62
N TYR C 145 -31.90 -17.77 -53.37
CA TYR C 145 -31.51 -16.58 -52.62
C TYR C 145 -32.10 -15.34 -53.28
N CYS C 146 -32.49 -14.36 -52.48
CA CYS C 146 -33.05 -13.11 -53.02
C CYS C 146 -32.48 -11.88 -52.31
N GLY C 147 -31.18 -11.91 -52.05
CA GLY C 147 -30.48 -10.77 -51.46
C GLY C 147 -30.92 -10.41 -50.05
N HIS C 148 -30.85 -9.10 -49.75
CA HIS C 148 -31.21 -8.57 -48.44
C HIS C 148 -31.92 -7.22 -48.55
N ILE C 149 -32.37 -6.68 -47.42
CA ILE C 149 -33.07 -5.39 -47.40
C ILE C 149 -32.89 -4.61 -46.11
N TYR C 150 -32.57 -3.32 -46.24
CA TYR C 150 -32.73 -2.39 -45.15
C TYR C 150 -34.21 -2.02 -45.02
N THR C 151 -34.74 -2.08 -43.81
CA THR C 151 -36.12 -1.67 -43.55
C THR C 151 -36.30 -1.23 -42.09
N PRO C 152 -37.11 -0.18 -41.85
CA PRO C 152 -37.47 0.19 -40.50
C PRO C 152 -38.05 -0.99 -39.73
N ILE C 153 -37.79 -1.03 -38.43
CA ILE C 153 -38.30 -2.10 -37.58
C ILE C 153 -39.83 -2.02 -37.50
N SER C 154 -40.34 -0.80 -37.38
CA SER C 154 -41.78 -0.56 -37.25
C SER C 154 -42.59 -1.01 -38.46
N CYS C 155 -41.98 -0.93 -39.64
CA CYS C 155 -42.62 -1.34 -40.89
C CYS C 155 -43.25 -2.74 -40.79
N LYS C 156 -44.46 -2.87 -41.35
CA LYS C 156 -45.22 -4.11 -41.26
C LYS C 156 -44.68 -5.19 -42.19
N ILE C 157 -45.12 -6.43 -41.97
CA ILE C 157 -44.73 -7.57 -42.80
C ILE C 157 -45.36 -7.46 -44.19
N ARG C 158 -46.62 -7.05 -44.24
CA ARG C 158 -47.35 -6.91 -45.51
C ARG C 158 -46.62 -5.99 -46.48
N ASP C 159 -45.97 -4.94 -45.96
CA ASP C 159 -45.26 -3.97 -46.80
C ASP C 159 -43.96 -4.49 -47.42
N LEU C 160 -43.55 -5.70 -47.05
CA LEU C 160 -42.39 -6.35 -47.68
C LEU C 160 -42.79 -7.36 -48.75
N LEU C 161 -44.08 -7.64 -48.89
CA LEU C 161 -44.56 -8.65 -49.84
C LEU C 161 -44.25 -8.33 -51.31
N PRO C 162 -44.45 -7.07 -51.71
CA PRO C 162 -44.06 -6.66 -53.07
C PRO C 162 -42.60 -6.96 -53.37
N VAL C 163 -41.72 -6.61 -52.43
CA VAL C 163 -40.29 -6.74 -52.65
C VAL C 163 -39.89 -8.21 -52.86
N MET C 164 -40.59 -9.12 -52.19
CA MET C 164 -40.30 -10.54 -52.35
C MET C 164 -40.78 -11.01 -53.72
N CYS C 165 -42.03 -10.71 -54.05
CA CYS C 165 -42.62 -11.06 -55.36
C CYS C 165 -41.71 -10.60 -56.51
N ASP C 166 -41.24 -9.37 -56.40
CA ASP C 166 -40.40 -8.75 -57.42
C ASP C 166 -39.06 -9.47 -57.55
N ARG C 167 -38.43 -9.78 -56.42
CA ARG C 167 -37.10 -10.39 -56.42
C ARG C 167 -37.17 -11.88 -56.71
N ALA C 168 -38.34 -12.48 -56.52
CA ALA C 168 -38.55 -13.89 -56.84
C ALA C 168 -38.84 -14.07 -58.32
N GLY C 169 -39.38 -13.02 -58.92
CA GLY C 169 -39.79 -13.04 -60.31
C GLY C 169 -41.29 -13.06 -60.48
N PHE C 170 -42.04 -13.07 -59.37
CA PHE C 170 -43.50 -13.18 -59.44
C PHE C 170 -44.14 -11.84 -59.76
N ILE C 171 -45.32 -11.92 -60.36
CA ILE C 171 -46.17 -10.74 -60.55
C ILE C 171 -46.59 -10.22 -59.18
N GLN C 172 -46.74 -8.90 -59.07
CA GLN C 172 -47.17 -8.28 -57.82
C GLN C 172 -48.55 -8.77 -57.40
N ASP C 173 -48.75 -8.85 -56.08
CA ASP C 173 -49.98 -9.35 -55.46
C ASP C 173 -50.05 -10.88 -55.36
N THR C 174 -49.05 -11.59 -55.88
CA THR C 174 -48.96 -13.04 -55.69
C THR C 174 -49.07 -13.36 -54.21
N SER C 175 -50.10 -14.12 -53.83
CA SER C 175 -50.26 -14.56 -52.44
C SER C 175 -49.07 -15.42 -52.04
N LEU C 176 -48.53 -15.15 -50.85
CA LEU C 176 -47.33 -15.83 -50.36
C LEU C 176 -47.54 -16.45 -48.99
N ILE C 177 -46.71 -17.44 -48.66
CA ILE C 177 -46.64 -18.04 -47.33
C ILE C 177 -45.26 -17.79 -46.74
N LEU C 178 -45.20 -17.00 -45.66
CA LEU C 178 -43.94 -16.57 -45.05
C LEU C 178 -43.52 -17.44 -43.87
N TYR C 179 -42.24 -17.79 -43.84
CA TYR C 179 -41.63 -18.49 -42.71
C TYR C 179 -40.49 -17.65 -42.19
N GLU C 180 -40.02 -17.98 -40.98
CA GLU C 180 -38.73 -17.49 -40.49
C GLU C 180 -37.80 -18.68 -40.34
N GLU C 181 -36.63 -18.62 -40.95
CA GLU C 181 -35.58 -19.60 -40.66
C GLU C 181 -34.92 -19.21 -39.34
N VAL C 182 -35.27 -19.94 -38.28
CA VAL C 182 -34.74 -19.69 -36.94
C VAL C 182 -33.42 -20.45 -36.76
N LYS C 183 -33.47 -21.76 -36.96
CA LYS C 183 -32.29 -22.62 -36.79
C LYS C 183 -32.44 -23.82 -37.69
N PRO C 184 -31.36 -24.60 -37.88
CA PRO C 184 -31.50 -25.88 -38.54
C PRO C 184 -32.57 -26.72 -37.84
N ASN C 185 -33.55 -27.19 -38.60
CA ASN C 185 -34.68 -27.94 -38.06
C ASN C 185 -35.68 -27.11 -37.24
N LEU C 186 -35.74 -25.81 -37.47
CA LEU C 186 -36.86 -24.99 -36.99
C LEU C 186 -37.19 -23.88 -38.00
N THR C 187 -38.40 -23.93 -38.53
CA THR C 187 -38.84 -23.01 -39.55
C THR C 187 -40.23 -22.50 -39.18
N GLU C 188 -40.27 -21.45 -38.36
CA GLU C 188 -41.53 -20.98 -37.78
C GLU C 188 -42.38 -20.23 -38.81
N ARG C 189 -43.63 -20.67 -38.97
CA ARG C 189 -44.58 -20.00 -39.85
C ARG C 189 -44.94 -18.64 -39.26
N ILE C 190 -45.26 -17.69 -40.15
CA ILE C 190 -45.65 -16.35 -39.72
C ILE C 190 -47.16 -16.19 -39.94
N GLN C 191 -47.91 -16.08 -38.85
CA GLN C 191 -49.37 -16.14 -38.89
C GLN C 191 -50.06 -14.80 -39.20
N ASP C 192 -49.36 -13.68 -39.06
CA ASP C 192 -49.99 -12.36 -39.21
C ASP C 192 -49.06 -11.36 -39.92
N TYR C 193 -49.46 -10.93 -41.12
CA TYR C 193 -48.67 -10.02 -41.94
C TYR C 193 -48.95 -8.55 -41.66
N ASP C 194 -49.95 -8.25 -40.84
CA ASP C 194 -50.31 -6.86 -40.53
C ASP C 194 -49.73 -6.42 -39.18
N VAL C 195 -48.46 -6.76 -38.94
CA VAL C 195 -47.79 -6.44 -37.68
C VAL C 195 -46.32 -6.09 -37.93
N SER C 196 -45.77 -5.26 -37.04
CA SER C 196 -44.38 -4.81 -37.11
C SER C 196 -43.39 -5.97 -37.09
N LEU C 197 -42.21 -5.75 -37.68
CA LEU C 197 -41.17 -6.77 -37.77
C LEU C 197 -40.67 -7.25 -36.41
N ASP C 198 -40.52 -6.33 -35.47
CA ASP C 198 -40.15 -6.69 -34.08
C ASP C 198 -41.12 -7.70 -33.46
N LYS C 199 -42.41 -7.53 -33.77
CA LYS C 199 -43.47 -8.39 -33.24
C LYS C 199 -43.66 -9.67 -34.05
N ALA C 200 -43.27 -9.65 -35.32
CA ALA C 200 -43.51 -10.78 -36.23
C ALA C 200 -42.49 -11.93 -36.16
N LEU C 201 -41.21 -11.62 -35.91
CA LEU C 201 -40.19 -12.67 -35.77
C LEU C 201 -39.93 -12.98 -34.28
N ASP C 202 -39.29 -14.12 -33.99
CA ASP C 202 -39.07 -14.54 -32.60
C ASP C 202 -38.19 -13.52 -31.85
N GLU C 203 -37.00 -13.26 -32.38
CA GLU C 203 -36.06 -12.34 -31.75
C GLU C 203 -35.40 -11.42 -32.78
N LEU C 204 -36.16 -10.42 -33.22
CA LEU C 204 -35.77 -9.58 -34.36
C LEU C 204 -34.34 -9.13 -34.21
N MET C 205 -33.53 -9.47 -35.20
CA MET C 205 -32.13 -9.09 -35.18
C MET C 205 -31.62 -9.03 -36.61
N ASP C 206 -30.61 -8.21 -36.84
CA ASP C 206 -29.97 -8.17 -38.14
C ASP C 206 -29.45 -9.57 -38.47
N GLY C 207 -29.56 -9.94 -39.74
CA GLY C 207 -29.17 -11.27 -40.20
C GLY C 207 -30.26 -12.30 -40.06
N ASP C 208 -31.49 -11.89 -39.78
CA ASP C 208 -32.63 -12.80 -39.76
C ASP C 208 -33.12 -13.03 -41.17
N ILE C 209 -33.60 -14.25 -41.41
CA ILE C 209 -34.06 -14.67 -42.73
C ILE C 209 -35.53 -14.98 -42.69
N ILE C 210 -36.30 -14.40 -43.60
CA ILE C 210 -37.65 -14.89 -43.85
C ILE C 210 -37.63 -15.66 -45.17
N VAL C 211 -38.26 -16.84 -45.15
CA VAL C 211 -38.33 -17.70 -46.32
C VAL C 211 -39.76 -17.71 -46.82
N PHE C 212 -39.96 -17.34 -48.08
CA PHE C 212 -41.30 -17.20 -48.63
C PHE C 212 -41.51 -18.16 -49.80
N GLN C 213 -42.78 -18.40 -50.10
CA GLN C 213 -43.18 -19.23 -51.24
C GLN C 213 -44.61 -18.91 -51.68
N LYS C 214 -44.94 -19.33 -52.90
CA LYS C 214 -46.27 -19.09 -53.47
C LYS C 214 -47.37 -19.88 -52.73
N ASP C 215 -48.51 -19.22 -52.55
CA ASP C 215 -49.67 -19.80 -51.87
C ASP C 215 -50.51 -20.70 -52.79
N ASP C 216 -50.20 -20.73 -54.10
CA ASP C 216 -50.93 -21.57 -55.05
C ASP C 216 -50.96 -23.03 -54.60
N PRO C 217 -52.13 -23.70 -54.74
CA PRO C 217 -52.30 -25.08 -54.27
C PRO C 217 -51.68 -26.16 -55.17
N GLU C 218 -51.29 -25.81 -56.39
CA GLU C 218 -50.62 -26.75 -57.30
C GLU C 218 -49.29 -27.27 -56.75
N ASN C 219 -48.67 -26.49 -55.86
CA ASN C 219 -47.40 -26.89 -55.21
C ASN C 219 -47.54 -28.02 -54.18
N ASP C 220 -48.78 -28.38 -53.84
CA ASP C 220 -49.03 -29.42 -52.84
C ASP C 220 -48.84 -30.84 -53.39
N ASN C 221 -48.41 -30.95 -54.66
CA ASN C 221 -48.14 -32.25 -55.27
C ASN C 221 -46.82 -32.86 -54.78
N SER C 222 -45.74 -32.11 -54.95
CA SER C 222 -44.39 -32.63 -54.73
C SER C 222 -44.10 -33.05 -53.30
N GLU C 223 -43.05 -33.86 -53.14
CA GLU C 223 -42.65 -34.42 -51.85
C GLU C 223 -42.58 -33.39 -50.71
N LEU C 224 -42.07 -32.19 -51.01
CA LEU C 224 -41.83 -31.15 -50.00
C LEU C 224 -42.68 -29.88 -50.25
N PRO C 225 -43.94 -29.90 -49.81
CA PRO C 225 -44.90 -28.84 -50.17
C PRO C 225 -44.56 -27.45 -49.64
N THR C 226 -43.92 -27.38 -48.47
CA THR C 226 -43.58 -26.09 -47.86
C THR C 226 -42.10 -25.98 -47.48
N ALA C 227 -41.70 -24.77 -47.11
CA ALA C 227 -40.33 -24.51 -46.67
C ALA C 227 -40.03 -25.23 -45.36
N LYS C 228 -41.03 -25.26 -44.47
CA LYS C 228 -40.93 -26.00 -43.21
C LYS C 228 -40.62 -27.48 -43.43
N GLU C 229 -41.31 -28.09 -44.39
CA GLU C 229 -41.09 -29.49 -44.74
C GLU C 229 -39.71 -29.67 -45.38
N TYR C 230 -39.26 -28.68 -46.14
CA TYR C 230 -37.95 -28.73 -46.78
C TYR C 230 -36.80 -28.74 -45.77
N PHE C 231 -36.85 -27.82 -44.81
CA PHE C 231 -35.77 -27.68 -43.82
C PHE C 231 -35.74 -28.86 -42.83
N ARG C 232 -36.92 -29.32 -42.44
CA ARG C 232 -37.03 -30.52 -41.61
C ARG C 232 -36.37 -31.71 -42.32
N ASP C 233 -36.76 -31.91 -43.58
CA ASP C 233 -36.20 -32.98 -44.41
C ASP C 233 -34.68 -32.91 -44.49
N LEU C 234 -34.13 -31.70 -44.60
CA LEU C 234 -32.69 -31.51 -44.74
C LEU C 234 -31.92 -31.83 -43.47
N TYR C 235 -32.49 -31.45 -42.32
CA TYR C 235 -31.85 -31.71 -41.03
C TYR C 235 -31.66 -33.21 -40.81
N HIS C 236 -32.71 -33.97 -41.12
CA HIS C 236 -32.70 -35.42 -40.90
C HIS C 236 -32.03 -36.22 -42.03
N ARG C 237 -31.38 -35.54 -42.97
CA ARG C 237 -30.75 -36.22 -44.10
C ARG C 237 -29.52 -37.04 -43.67
N VAL C 238 -29.74 -38.30 -43.28
CA VAL C 238 -28.65 -39.27 -43.11
C VAL C 238 -28.10 -39.60 -44.50
N ASP C 239 -29.03 -39.95 -45.39
CA ASP C 239 -28.89 -39.70 -46.84
C ASP C 239 -30.26 -39.56 -47.55
N VAL C 240 -31.36 -39.64 -46.79
CA VAL C 240 -32.72 -39.71 -47.34
C VAL C 240 -33.78 -39.68 -46.23
N HIS D 6 -46.41 12.62 -25.14
CA HIS D 6 -45.52 13.78 -25.36
C HIS D 6 -44.13 13.30 -25.79
N LEU D 7 -43.11 14.16 -25.71
CA LEU D 7 -41.78 13.84 -26.22
C LEU D 7 -40.66 14.03 -25.19
N TYR D 8 -41.00 13.82 -23.92
CA TYR D 8 -40.04 13.85 -22.80
C TYR D 8 -39.94 12.46 -22.16
N MET D 9 -38.75 12.10 -21.68
CA MET D 9 -38.57 10.82 -20.97
C MET D 9 -38.09 11.01 -19.54
N GLN D 10 -38.30 9.96 -18.73
CA GLN D 10 -38.03 10.00 -17.30
C GLN D 10 -36.79 9.19 -16.90
N VAL D 11 -35.68 9.88 -16.65
CA VAL D 11 -34.43 9.23 -16.25
C VAL D 11 -34.32 9.16 -14.72
N GLN D 12 -34.13 7.96 -14.20
CA GLN D 12 -34.04 7.71 -12.76
C GLN D 12 -32.62 7.31 -12.37
N ILE D 13 -31.91 8.24 -11.71
CA ILE D 13 -30.58 7.94 -11.17
C ILE D 13 -30.72 7.28 -9.81
N VAL D 14 -29.89 6.28 -9.55
CA VAL D 14 -29.80 5.66 -8.23
C VAL D 14 -28.34 5.64 -7.78
N ALA D 15 -28.05 6.24 -6.63
CA ALA D 15 -26.69 6.29 -6.09
C ALA D 15 -26.42 5.05 -5.24
N GLU D 16 -25.14 4.73 -5.05
CA GLU D 16 -24.73 3.45 -4.46
C GLU D 16 -25.20 3.25 -3.01
N ASP D 17 -25.41 4.35 -2.28
CA ASP D 17 -25.94 4.28 -0.91
C ASP D 17 -27.24 3.50 -0.79
N GLN D 18 -28.08 3.56 -1.84
CA GLN D 18 -29.33 2.80 -1.86
C GLN D 18 -29.12 1.29 -1.84
N PHE D 19 -27.94 0.83 -2.26
CA PHE D 19 -27.60 -0.60 -2.22
C PHE D 19 -27.25 -1.06 -0.80
N CYS D 20 -27.00 -0.12 0.10
CA CYS D 20 -26.67 -0.44 1.49
C CYS D 20 -27.89 -0.94 2.25
N GLY D 21 -27.74 -2.09 2.89
CA GLY D 21 -28.81 -2.70 3.66
C GLY D 21 -29.52 -3.76 2.86
N HIS D 22 -30.19 -3.32 1.80
CA HIS D 22 -31.04 -4.18 0.96
C HIS D 22 -30.81 -5.69 1.13
N GLN D 23 -31.83 -6.37 1.65
CA GLN D 23 -31.70 -7.78 2.05
C GLN D 23 -32.11 -8.75 0.94
N GLY D 24 -32.78 -8.25 -0.11
CA GLY D 24 -33.22 -9.07 -1.24
C GLY D 24 -32.18 -9.27 -2.33
N ASN D 25 -32.60 -9.87 -3.43
CA ASN D 25 -31.71 -10.14 -4.58
C ASN D 25 -31.34 -8.88 -5.36
N ASP D 26 -30.34 -9.00 -6.23
CA ASP D 26 -29.82 -7.86 -6.99
C ASP D 26 -29.38 -6.74 -6.03
N MET D 27 -29.97 -5.55 -6.12
CA MET D 27 -29.48 -4.42 -5.31
C MET D 27 -30.51 -3.34 -4.97
N TYR D 28 -31.80 -3.69 -4.99
CA TYR D 28 -32.85 -2.88 -4.36
C TYR D 28 -34.25 -3.44 -4.64
N ASP D 29 -35.20 -3.09 -3.78
CA ASP D 29 -36.63 -3.29 -4.07
C ASP D 29 -37.12 -2.06 -4.79
N GLU D 30 -37.99 -2.24 -5.78
CA GLU D 30 -38.46 -1.13 -6.59
C GLU D 30 -39.31 -0.12 -5.79
N GLU D 31 -40.07 -0.61 -4.82
CA GLU D 31 -40.89 0.25 -3.95
C GLU D 31 -40.03 1.01 -2.93
N LYS D 32 -39.06 0.32 -2.32
CA LYS D 32 -38.21 0.90 -1.28
C LYS D 32 -37.17 1.90 -1.81
N VAL D 33 -36.67 1.67 -3.03
CA VAL D 33 -35.58 2.47 -3.61
C VAL D 33 -35.95 3.95 -3.81
N LYS D 34 -34.98 4.84 -3.54
CA LYS D 34 -35.13 6.28 -3.78
C LYS D 34 -34.20 6.72 -4.93
N TYR D 35 -34.69 7.61 -5.79
CA TYR D 35 -33.93 8.07 -6.97
C TYR D 35 -33.64 9.57 -6.96
N THR D 36 -32.86 10.00 -7.95
CA THR D 36 -32.76 11.39 -8.35
C THR D 36 -33.33 11.42 -9.76
N VAL D 37 -34.54 11.97 -9.90
CA VAL D 37 -35.31 11.85 -11.14
C VAL D 37 -35.14 13.06 -12.05
N PHE D 38 -34.71 12.81 -13.29
CA PHE D 38 -34.53 13.85 -14.28
C PHE D 38 -35.53 13.68 -15.42
N LYS D 39 -36.12 14.79 -15.87
CA LYS D 39 -37.00 14.79 -17.04
C LYS D 39 -36.25 15.43 -18.20
N VAL D 40 -35.89 14.61 -19.19
CA VAL D 40 -35.13 15.10 -20.35
C VAL D 40 -35.81 14.77 -21.68
N LEU D 41 -35.45 15.53 -22.71
CA LEU D 41 -35.93 15.29 -24.07
C LEU D 41 -35.54 13.88 -24.53
N LYS D 42 -36.41 13.24 -25.29
CA LYS D 42 -36.10 11.95 -25.90
C LYS D 42 -34.99 12.08 -26.94
N ASN D 43 -34.93 13.22 -27.61
CA ASN D 43 -33.92 13.48 -28.64
C ASN D 43 -32.71 14.28 -28.15
N SER D 44 -32.62 14.51 -26.84
CA SER D 44 -31.42 15.16 -26.27
C SER D 44 -30.26 14.17 -26.25
N SER D 45 -29.05 14.69 -26.41
CA SER D 45 -27.86 13.85 -26.48
C SER D 45 -27.34 13.46 -25.10
N LEU D 46 -26.50 12.44 -25.07
CA LEU D 46 -25.87 11.98 -23.82
C LEU D 46 -25.03 13.09 -23.19
N ALA D 47 -24.18 13.70 -24.00
CA ALA D 47 -23.36 14.82 -23.56
C ALA D 47 -24.21 15.89 -22.84
N GLU D 48 -25.38 16.19 -23.42
CA GLU D 48 -26.32 17.17 -22.85
C GLU D 48 -26.81 16.76 -21.45
N PHE D 49 -27.20 15.49 -21.31
CA PHE D 49 -27.64 14.96 -20.03
C PHE D 49 -26.52 14.92 -19.00
N VAL D 50 -25.32 14.55 -19.44
CA VAL D 50 -24.17 14.47 -18.55
C VAL D 50 -23.87 15.85 -17.95
N GLN D 51 -23.90 16.88 -18.79
CA GLN D 51 -23.66 18.27 -18.35
C GLN D 51 -24.63 18.67 -17.24
N SER D 52 -25.92 18.49 -17.49
CA SER D 52 -26.96 18.86 -16.53
C SER D 52 -26.90 17.99 -15.27
N LEU D 53 -26.52 16.73 -15.42
CA LEU D 53 -26.35 15.83 -14.28
C LEU D 53 -25.11 16.20 -13.47
N SER D 54 -24.05 16.61 -14.16
CA SER D 54 -22.81 17.02 -13.49
C SER D 54 -23.09 18.03 -12.38
N GLN D 55 -23.90 19.06 -12.69
CA GLN D 55 -24.28 20.06 -11.71
C GLN D 55 -25.13 19.44 -10.59
N THR D 56 -26.24 18.81 -11.00
CA THR D 56 -27.26 18.31 -10.07
C THR D 56 -26.74 17.40 -8.98
N MET D 57 -25.74 16.58 -9.29
CA MET D 57 -25.19 15.65 -8.32
C MET D 57 -24.00 16.26 -7.56
N GLY D 58 -23.34 17.25 -8.16
CA GLY D 58 -22.22 17.95 -7.53
C GLY D 58 -20.85 17.58 -8.09
N PHE D 59 -20.75 16.40 -8.67
CA PHE D 59 -19.48 15.86 -9.15
C PHE D 59 -19.18 16.28 -10.59
N PRO D 60 -17.91 16.61 -10.88
CA PRO D 60 -17.53 16.93 -12.27
C PRO D 60 -17.59 15.70 -13.18
N GLN D 61 -17.46 15.91 -14.49
CA GLN D 61 -17.73 14.86 -15.48
C GLN D 61 -16.66 13.75 -15.57
N ASP D 62 -15.57 13.86 -14.80
CA ASP D 62 -14.54 12.80 -14.76
C ASP D 62 -14.46 12.11 -13.39
N GLN D 63 -15.47 12.34 -12.54
CA GLN D 63 -15.59 11.65 -11.26
C GLN D 63 -16.82 10.76 -11.23
N ILE D 64 -17.44 10.56 -12.40
CA ILE D 64 -18.68 9.80 -12.51
C ILE D 64 -18.64 8.81 -13.67
N ARG D 65 -19.37 7.71 -13.52
CA ARG D 65 -19.56 6.77 -14.61
C ARG D 65 -20.98 6.20 -14.57
N LEU D 66 -21.67 6.29 -15.70
CA LEU D 66 -23.05 5.84 -15.80
C LEU D 66 -23.11 4.34 -16.11
N TRP D 67 -24.01 3.63 -15.46
CA TRP D 67 -24.20 2.19 -15.66
C TRP D 67 -25.69 1.91 -15.74
N PRO D 68 -26.28 2.03 -16.93
CA PRO D 68 -27.71 1.82 -17.08
C PRO D 68 -28.18 0.50 -16.50
N MET D 69 -29.37 0.52 -15.89
CA MET D 69 -29.96 -0.69 -15.35
C MET D 69 -30.64 -1.44 -16.47
N GLN D 70 -30.58 -2.76 -16.41
CA GLN D 70 -31.01 -3.61 -17.51
C GLN D 70 -31.82 -4.81 -17.01
N ALA D 71 -33.14 -4.73 -17.16
CA ALA D 71 -34.02 -5.84 -16.83
C ALA D 71 -33.73 -7.02 -17.77
N ARG D 72 -33.87 -8.23 -17.26
CA ARG D 72 -33.47 -9.43 -18.00
C ARG D 72 -34.40 -10.61 -17.78
N SER D 73 -34.36 -11.54 -18.73
CA SER D 73 -35.28 -12.66 -18.80
C SER D 73 -34.93 -13.83 -17.85
N ASN D 74 -33.90 -13.66 -17.02
CA ASN D 74 -33.66 -14.59 -15.91
C ASN D 74 -34.03 -13.95 -14.56
N GLY D 75 -34.90 -12.94 -14.62
CA GLY D 75 -35.53 -12.38 -13.43
C GLY D 75 -34.64 -11.44 -12.66
N THR D 76 -33.85 -10.65 -13.38
CA THR D 76 -32.86 -9.78 -12.77
C THR D 76 -32.85 -8.40 -13.45
N LYS D 77 -32.76 -7.34 -12.65
CA LYS D 77 -32.43 -6.00 -13.15
C LYS D 77 -31.08 -5.66 -12.56
N ARG D 78 -30.09 -5.41 -13.42
CA ARG D 78 -28.71 -5.19 -12.99
C ARG D 78 -28.02 -4.11 -13.83
N PRO D 79 -26.95 -3.51 -13.30
CA PRO D 79 -26.24 -2.49 -14.05
C PRO D 79 -25.43 -3.09 -15.18
N ALA D 80 -25.44 -2.42 -16.33
CA ALA D 80 -24.57 -2.77 -17.46
C ALA D 80 -24.06 -1.50 -18.11
N MET D 81 -23.11 -1.66 -19.04
CA MET D 81 -22.45 -0.50 -19.67
C MET D 81 -23.17 -0.04 -20.93
N LEU D 82 -22.94 1.22 -21.29
CA LEU D 82 -23.75 1.90 -22.30
C LEU D 82 -23.41 1.39 -23.71
N ASP D 83 -24.43 0.89 -24.42
CA ASP D 83 -24.25 0.42 -25.80
C ASP D 83 -24.06 1.62 -26.71
N ASN D 84 -22.91 1.65 -27.38
CA ASN D 84 -22.58 2.68 -28.37
C ASN D 84 -22.58 4.11 -27.82
N GLU D 85 -22.10 4.30 -26.59
CA GLU D 85 -21.96 5.65 -26.05
C GLU D 85 -20.84 6.42 -26.75
N ALA D 86 -19.83 5.70 -27.22
CA ALA D 86 -18.61 6.26 -27.81
C ALA D 86 -18.88 7.48 -28.68
N ASP D 87 -19.70 7.28 -29.71
CA ASP D 87 -20.23 8.37 -30.53
C ASP D 87 -21.66 8.02 -30.93
N GLY D 88 -22.55 9.01 -30.95
CA GLY D 88 -22.21 10.43 -30.77
C GLY D 88 -23.39 11.29 -31.19
N ASN D 89 -23.99 10.92 -32.32
CA ASN D 89 -25.29 11.43 -32.71
C ASN D 89 -26.42 10.50 -32.23
N LYS D 90 -26.25 9.91 -31.03
CA LYS D 90 -27.24 8.99 -30.44
C LYS D 90 -28.06 9.69 -29.38
N THR D 91 -29.39 9.51 -29.44
CA THR D 91 -30.31 10.17 -28.51
C THR D 91 -30.52 9.35 -27.24
N MET D 92 -31.10 9.98 -26.23
CA MET D 92 -31.27 9.34 -24.93
C MET D 92 -32.31 8.22 -24.94
N ILE D 93 -33.34 8.35 -25.77
CA ILE D 93 -34.38 7.31 -25.86
C ILE D 93 -33.83 6.01 -26.47
N GLU D 94 -32.86 6.13 -27.37
CA GLU D 94 -32.26 4.97 -28.01
C GLU D 94 -31.15 4.36 -27.17
N LEU D 95 -30.38 5.21 -26.50
CA LEU D 95 -29.43 4.74 -25.48
C LEU D 95 -30.17 3.99 -24.37
N SER D 96 -31.41 4.40 -24.12
CA SER D 96 -32.31 3.71 -23.21
C SER D 96 -32.84 2.38 -23.75
N ASP D 97 -32.59 2.10 -25.03
CA ASP D 97 -33.26 1.03 -25.76
C ASP D 97 -34.78 1.21 -25.70
N ASN D 98 -35.22 2.45 -25.88
CA ASN D 98 -36.63 2.82 -25.86
C ASN D 98 -37.34 2.47 -24.55
N GLU D 99 -36.59 2.51 -23.44
CA GLU D 99 -37.16 2.26 -22.13
C GLU D 99 -37.57 3.59 -21.47
N ASN D 100 -38.66 3.56 -20.71
CA ASN D 100 -39.15 4.71 -19.98
C ASN D 100 -40.10 4.24 -18.88
N PRO D 101 -39.77 4.50 -17.61
CA PRO D 101 -38.62 5.27 -17.13
C PRO D 101 -37.29 4.53 -17.34
N TRP D 102 -36.20 5.28 -17.44
CA TRP D 102 -34.86 4.72 -17.63
C TRP D 102 -34.02 4.83 -16.36
N THR D 103 -33.88 3.70 -15.66
CA THR D 103 -33.11 3.65 -14.42
C THR D 103 -31.62 3.49 -14.71
N ILE D 104 -30.79 4.24 -14.00
CA ILE D 104 -29.33 4.20 -14.18
C ILE D 104 -28.64 4.20 -12.82
N PHE D 105 -27.61 3.37 -12.68
CA PHE D 105 -26.74 3.45 -11.52
C PHE D 105 -25.60 4.42 -11.81
N LEU D 106 -25.53 5.51 -11.04
CA LEU D 106 -24.41 6.44 -11.11
C LEU D 106 -23.32 6.02 -10.14
N GLU D 107 -22.11 5.81 -10.68
CA GLU D 107 -20.93 5.60 -9.86
C GLU D 107 -20.28 6.96 -9.64
N THR D 108 -19.79 7.19 -8.42
CA THR D 108 -19.10 8.44 -8.08
C THR D 108 -17.87 8.14 -7.24
N VAL D 109 -17.10 9.17 -6.94
CA VAL D 109 -15.97 9.05 -6.03
C VAL D 109 -16.47 9.24 -4.59
N ASP D 110 -15.86 8.52 -3.63
CA ASP D 110 -16.30 8.54 -2.22
C ASP D 110 -16.13 9.93 -1.59
N PRO D 111 -17.25 10.68 -1.40
CA PRO D 111 -17.11 12.07 -0.96
C PRO D 111 -16.58 12.21 0.47
N ALA D 118 -9.22 14.27 -7.12
CA ALA D 118 -9.45 12.83 -7.25
C ALA D 118 -10.30 12.50 -8.47
N THR D 119 -10.18 11.27 -8.94
CA THR D 119 -10.91 10.79 -10.12
C THR D 119 -11.30 9.32 -9.96
N LEU D 120 -12.20 8.87 -10.83
CA LEU D 120 -12.48 7.44 -10.97
C LEU D 120 -11.35 6.79 -11.77
N PRO D 121 -11.13 5.49 -11.59
CA PRO D 121 -10.19 4.79 -12.46
C PRO D 121 -10.71 4.71 -13.90
N LYS D 122 -9.80 4.61 -14.87
CA LYS D 122 -10.18 4.40 -16.26
C LYS D 122 -10.67 2.96 -16.40
N PHE D 123 -11.82 2.77 -17.04
CA PHE D 123 -12.41 1.44 -17.16
C PHE D 123 -12.28 0.92 -18.58
N ASP D 124 -11.58 -0.21 -18.72
CA ASP D 124 -11.37 -0.84 -20.02
C ASP D 124 -12.51 -1.82 -20.31
N LYS D 125 -13.43 -1.40 -21.18
CA LYS D 125 -14.65 -2.15 -21.44
C LYS D 125 -14.40 -3.57 -21.94
N ASP D 126 -13.27 -3.79 -22.60
CA ASP D 126 -12.97 -5.09 -23.19
C ASP D 126 -12.18 -6.00 -22.24
N HIS D 127 -11.33 -5.42 -21.40
CA HIS D 127 -10.42 -6.21 -20.53
C HIS D 127 -10.81 -6.25 -19.04
N ASP D 128 -11.51 -5.22 -18.57
CA ASP D 128 -11.93 -5.13 -17.16
C ASP D 128 -13.40 -5.48 -16.97
N VAL D 129 -13.77 -5.78 -15.72
CA VAL D 129 -15.15 -6.05 -15.35
C VAL D 129 -15.46 -5.42 -14.00
N MET D 130 -16.70 -4.97 -13.83
CA MET D 130 -17.15 -4.44 -12.55
C MET D 130 -18.05 -5.44 -11.85
N LEU D 131 -17.60 -5.94 -10.69
CA LEU D 131 -18.36 -6.89 -9.90
C LEU D 131 -18.89 -6.23 -8.65
N PHE D 132 -20.02 -6.72 -8.14
CA PHE D 132 -20.56 -6.27 -6.88
C PHE D 132 -20.35 -7.35 -5.82
N LEU D 133 -20.04 -6.91 -4.60
CA LEU D 133 -19.72 -7.80 -3.50
C LEU D 133 -20.74 -7.69 -2.37
N LYS D 134 -21.11 -8.84 -1.83
CA LYS D 134 -21.98 -8.93 -0.67
C LYS D 134 -21.39 -9.95 0.29
N MET D 135 -21.44 -9.64 1.59
CA MET D 135 -21.07 -10.63 2.61
C MET D 135 -22.34 -11.08 3.30
N TYR D 136 -22.50 -12.39 3.44
CA TYR D 136 -23.64 -12.97 4.13
C TYR D 136 -23.19 -13.43 5.51
N ASP D 137 -23.98 -13.06 6.51
CA ASP D 137 -23.70 -13.36 7.92
C ASP D 137 -24.70 -14.37 8.48
N PRO D 138 -24.26 -15.63 8.70
CA PRO D 138 -25.12 -16.67 9.27
C PRO D 138 -25.72 -16.34 10.64
N LYS D 139 -24.94 -15.70 11.51
CA LYS D 139 -25.40 -15.30 12.84
C LYS D 139 -26.68 -14.48 12.76
N THR D 140 -26.60 -13.30 12.15
CA THR D 140 -27.78 -12.44 11.95
C THR D 140 -28.71 -12.99 10.87
N ARG D 141 -28.21 -13.89 10.03
CA ARG D 141 -28.95 -14.41 8.88
C ARG D 141 -29.26 -13.27 7.91
N SER D 142 -28.30 -12.33 7.81
CA SER D 142 -28.47 -11.10 7.04
C SER D 142 -27.29 -10.92 6.07
N LEU D 143 -27.55 -10.23 4.96
CA LEU D 143 -26.51 -9.90 3.98
C LEU D 143 -26.12 -8.43 4.10
N ASN D 144 -24.82 -8.17 4.18
CA ASN D 144 -24.29 -6.81 4.26
C ASN D 144 -23.53 -6.46 2.99
N TYR D 145 -23.86 -5.29 2.43
CA TYR D 145 -23.31 -4.85 1.15
C TYR D 145 -21.84 -4.46 1.31
N CYS D 146 -21.02 -4.77 0.32
CA CYS D 146 -19.58 -4.51 0.39
C CYS D 146 -19.05 -3.84 -0.89
N GLY D 147 -19.88 -2.97 -1.48
CA GLY D 147 -19.47 -2.14 -2.60
C GLY D 147 -19.28 -2.92 -3.89
N HIS D 148 -18.47 -2.35 -4.77
CA HIS D 148 -18.14 -2.94 -6.06
C HIS D 148 -16.65 -2.74 -6.33
N ILE D 149 -16.12 -3.44 -7.33
CA ILE D 149 -14.69 -3.31 -7.69
C ILE D 149 -14.45 -3.43 -9.17
N TYR D 150 -13.58 -2.57 -9.70
CA TYR D 150 -13.02 -2.78 -11.02
C TYR D 150 -11.91 -3.83 -10.92
N THR D 151 -11.95 -4.82 -11.79
CA THR D 151 -10.87 -5.79 -11.87
C THR D 151 -10.73 -6.30 -13.30
N PRO D 152 -9.50 -6.58 -13.73
CA PRO D 152 -9.29 -7.31 -14.98
C PRO D 152 -10.02 -8.64 -14.99
N ILE D 153 -10.51 -9.05 -16.16
CA ILE D 153 -11.20 -10.33 -16.32
C ILE D 153 -10.23 -11.48 -16.09
N SER D 154 -8.97 -11.25 -16.42
CA SER D 154 -7.92 -12.26 -16.31
C SER D 154 -7.59 -12.64 -14.85
N CYS D 155 -7.79 -11.71 -13.93
CA CYS D 155 -7.49 -11.90 -12.52
C CYS D 155 -8.10 -13.20 -11.96
N LYS D 156 -7.42 -13.83 -11.02
CA LYS D 156 -7.89 -15.07 -10.40
C LYS D 156 -8.81 -14.74 -9.22
N ILE D 157 -9.87 -15.52 -9.04
CA ILE D 157 -10.79 -15.36 -7.90
C ILE D 157 -10.02 -15.22 -6.58
N ARG D 158 -9.01 -16.06 -6.41
CA ARG D 158 -8.06 -16.03 -5.28
C ARG D 158 -7.67 -14.61 -4.85
N ASP D 159 -7.29 -13.78 -5.82
CA ASP D 159 -6.74 -12.46 -5.56
C ASP D 159 -7.79 -11.37 -5.31
N LEU D 160 -9.06 -11.76 -5.18
CA LEU D 160 -10.10 -10.85 -4.71
C LEU D 160 -10.41 -11.06 -3.23
N LEU D 161 -9.95 -12.17 -2.67
CA LEU D 161 -10.27 -12.55 -1.28
C LEU D 161 -9.80 -11.51 -0.25
N PRO D 162 -8.58 -10.99 -0.40
CA PRO D 162 -8.13 -9.92 0.50
C PRO D 162 -9.09 -8.74 0.52
N VAL D 163 -9.56 -8.36 -0.67
CA VAL D 163 -10.46 -7.22 -0.82
C VAL D 163 -11.78 -7.52 -0.12
N MET D 164 -12.29 -8.73 -0.27
CA MET D 164 -13.55 -9.11 0.37
C MET D 164 -13.43 -9.04 1.88
N CYS D 165 -12.36 -9.62 2.42
CA CYS D 165 -12.08 -9.55 3.87
C CYS D 165 -12.01 -8.10 4.36
N ASP D 166 -11.22 -7.29 3.69
CA ASP D 166 -11.00 -5.91 4.09
C ASP D 166 -12.30 -5.10 4.17
N ARG D 167 -13.20 -5.33 3.22
CA ARG D 167 -14.45 -4.58 3.14
C ARG D 167 -15.52 -5.14 4.07
N ALA D 168 -15.36 -6.39 4.49
CA ALA D 168 -16.20 -6.99 5.52
C ALA D 168 -15.56 -6.88 6.90
N GLY D 169 -14.52 -6.05 7.03
CA GLY D 169 -13.85 -5.85 8.32
C GLY D 169 -13.14 -7.08 8.87
N PHE D 170 -12.92 -8.09 8.05
CA PHE D 170 -12.24 -9.32 8.49
C PHE D 170 -10.73 -9.11 8.51
N ILE D 171 -10.03 -10.04 9.16
CA ILE D 171 -8.58 -10.05 9.15
C ILE D 171 -8.14 -10.66 7.83
N GLN D 172 -6.95 -10.30 7.36
CA GLN D 172 -6.37 -10.92 6.18
C GLN D 172 -6.21 -12.42 6.42
N ASP D 173 -6.27 -13.19 5.33
CA ASP D 173 -6.14 -14.65 5.38
C ASP D 173 -7.30 -15.36 6.08
N THR D 174 -8.43 -14.67 6.24
CA THR D 174 -9.62 -15.28 6.79
C THR D 174 -10.22 -16.19 5.71
N SER D 175 -10.45 -17.46 6.05
CA SER D 175 -10.98 -18.43 5.08
C SER D 175 -12.41 -18.06 4.69
N LEU D 176 -12.65 -17.92 3.39
CA LEU D 176 -13.97 -17.55 2.88
C LEU D 176 -14.61 -18.61 1.98
N ILE D 177 -15.93 -18.70 2.02
CA ILE D 177 -16.71 -19.48 1.04
C ILE D 177 -17.39 -18.50 0.08
N LEU D 178 -17.28 -18.78 -1.22
CA LEU D 178 -17.70 -17.86 -2.28
C LEU D 178 -18.81 -18.43 -3.17
N TYR D 179 -19.80 -17.58 -3.47
CA TYR D 179 -20.89 -17.93 -4.37
C TYR D 179 -21.05 -16.85 -5.43
N GLU D 180 -21.62 -17.21 -6.58
CA GLU D 180 -22.17 -16.23 -7.50
C GLU D 180 -23.70 -16.23 -7.37
N GLU D 181 -24.27 -15.06 -7.10
CA GLU D 181 -25.72 -14.89 -7.06
C GLU D 181 -26.24 -14.76 -8.48
N VAL D 182 -26.68 -15.88 -9.07
CA VAL D 182 -27.14 -15.89 -10.45
C VAL D 182 -28.50 -15.21 -10.65
N LYS D 183 -29.52 -15.77 -10.00
CA LYS D 183 -30.87 -15.21 -10.03
C LYS D 183 -31.60 -15.72 -8.78
N PRO D 184 -32.77 -15.13 -8.46
CA PRO D 184 -33.58 -15.67 -7.36
C PRO D 184 -33.69 -17.19 -7.42
N ASN D 185 -33.47 -17.85 -6.28
CA ASN D 185 -33.49 -19.32 -6.19
C ASN D 185 -32.25 -20.05 -6.75
N LEU D 186 -31.30 -19.33 -7.36
CA LEU D 186 -30.05 -19.94 -7.84
C LEU D 186 -28.84 -19.21 -7.28
N THR D 187 -27.99 -19.96 -6.55
CA THR D 187 -26.79 -19.43 -5.94
C THR D 187 -25.69 -20.50 -5.99
N GLU D 188 -24.86 -20.45 -7.02
CA GLU D 188 -23.86 -21.48 -7.26
C GLU D 188 -22.57 -21.16 -6.53
N ARG D 189 -22.08 -22.11 -5.74
CA ARG D 189 -20.78 -21.97 -5.09
C ARG D 189 -19.67 -22.03 -6.14
N ILE D 190 -18.55 -21.36 -5.86
CA ILE D 190 -17.39 -21.39 -6.74
C ILE D 190 -16.38 -22.39 -6.20
N GLN D 191 -16.31 -23.55 -6.84
CA GLN D 191 -15.44 -24.63 -6.39
C GLN D 191 -13.96 -24.26 -6.48
N ASP D 192 -13.56 -23.59 -7.56
CA ASP D 192 -12.14 -23.35 -7.81
C ASP D 192 -11.81 -21.86 -7.78
N TYR D 193 -11.03 -21.45 -6.77
CA TYR D 193 -10.55 -20.07 -6.67
C TYR D 193 -9.33 -19.81 -7.54
N ASP D 194 -8.69 -20.88 -8.02
CA ASP D 194 -7.46 -20.74 -8.82
C ASP D 194 -7.71 -20.53 -10.33
N VAL D 195 -8.96 -20.31 -10.72
CA VAL D 195 -9.28 -19.99 -12.10
C VAL D 195 -9.60 -18.50 -12.26
N SER D 196 -9.60 -18.04 -13.50
CA SER D 196 -9.90 -16.65 -13.81
C SER D 196 -11.39 -16.38 -13.67
N LEU D 197 -11.77 -15.11 -13.76
CA LEU D 197 -13.13 -14.67 -13.51
C LEU D 197 -14.12 -15.12 -14.58
N ASP D 198 -13.70 -15.07 -15.84
CA ASP D 198 -14.58 -15.43 -16.96
C ASP D 198 -15.01 -16.90 -16.94
N LYS D 199 -14.17 -17.77 -16.36
CA LYS D 199 -14.50 -19.19 -16.23
C LYS D 199 -14.92 -19.57 -14.81
N ALA D 200 -14.61 -18.73 -13.83
CA ALA D 200 -15.09 -18.94 -12.46
C ALA D 200 -16.59 -18.67 -12.34
N LEU D 201 -17.12 -17.76 -13.14
CA LEU D 201 -18.54 -17.43 -13.09
C LEU D 201 -19.32 -18.07 -14.23
N ASP D 202 -20.63 -17.86 -14.20
CA ASP D 202 -21.55 -18.52 -15.12
C ASP D 202 -21.48 -17.89 -16.51
N GLU D 203 -21.74 -16.59 -16.57
CA GLU D 203 -21.73 -15.82 -17.81
C GLU D 203 -21.22 -14.43 -17.48
N LEU D 204 -19.89 -14.27 -17.49
CA LEU D 204 -19.26 -13.11 -16.90
C LEU D 204 -19.68 -11.82 -17.57
N MET D 205 -20.29 -10.95 -16.79
CA MET D 205 -20.68 -9.63 -17.24
C MET D 205 -20.48 -8.60 -16.14
N ASP D 206 -20.41 -7.33 -16.53
CA ASP D 206 -20.40 -6.24 -15.56
C ASP D 206 -21.71 -6.28 -14.83
N GLY D 207 -21.64 -6.24 -13.50
CA GLY D 207 -22.83 -6.23 -12.67
C GLY D 207 -23.15 -7.59 -12.10
N ASP D 208 -22.26 -8.55 -12.30
CA ASP D 208 -22.39 -9.85 -11.65
C ASP D 208 -22.08 -9.66 -10.19
N ILE D 209 -22.65 -10.52 -9.35
CA ILE D 209 -22.54 -10.39 -7.90
C ILE D 209 -21.98 -11.67 -7.34
N ILE D 210 -20.93 -11.57 -6.52
CA ILE D 210 -20.47 -12.74 -5.77
C ILE D 210 -20.59 -12.50 -4.29
N VAL D 211 -21.13 -13.49 -3.59
CA VAL D 211 -21.44 -13.39 -2.17
C VAL D 211 -20.47 -14.29 -1.41
N PHE D 212 -19.90 -13.77 -0.33
CA PHE D 212 -18.94 -14.53 0.46
C PHE D 212 -19.36 -14.62 1.93
N GLN D 213 -18.70 -15.54 2.64
CA GLN D 213 -18.90 -15.71 4.07
C GLN D 213 -17.70 -16.43 4.67
N LYS D 214 -17.44 -16.15 5.95
CA LYS D 214 -16.36 -16.82 6.69
C LYS D 214 -16.67 -18.32 6.79
N ASP D 215 -15.63 -19.14 6.82
CA ASP D 215 -15.78 -20.59 6.86
C ASP D 215 -15.69 -21.17 8.28
N ASP D 216 -16.06 -20.38 9.30
CA ASP D 216 -16.00 -20.83 10.70
C ASP D 216 -17.14 -21.82 10.96
N PRO D 217 -16.82 -23.05 11.43
CA PRO D 217 -17.89 -24.05 11.64
C PRO D 217 -18.95 -23.66 12.69
N GLU D 218 -18.68 -22.60 13.45
CA GLU D 218 -19.66 -22.05 14.40
C GLU D 218 -20.95 -21.51 13.76
N ASN D 219 -20.91 -21.23 12.45
CA ASN D 219 -22.10 -20.72 11.73
C ASN D 219 -23.16 -21.78 11.39
N ASP D 220 -22.84 -23.07 11.59
CA ASP D 220 -23.82 -24.16 11.42
C ASP D 220 -24.90 -24.18 12.50
N ASN D 221 -24.64 -23.50 13.61
CA ASN D 221 -25.62 -23.37 14.70
C ASN D 221 -26.88 -22.60 14.28
N SER D 222 -26.73 -21.70 13.32
CA SER D 222 -27.86 -20.94 12.76
C SER D 222 -28.73 -21.84 11.85
N GLU D 223 -29.95 -21.39 11.60
CA GLU D 223 -30.86 -22.09 10.69
C GLU D 223 -30.36 -22.07 9.24
N LEU D 224 -29.74 -20.96 8.84
CA LEU D 224 -29.28 -20.72 7.46
C LEU D 224 -27.75 -20.63 7.43
N PRO D 225 -27.06 -21.78 7.39
CA PRO D 225 -25.59 -21.79 7.47
C PRO D 225 -24.87 -21.20 6.25
N THR D 226 -25.47 -21.35 5.07
CA THR D 226 -24.88 -20.87 3.82
C THR D 226 -25.69 -19.72 3.22
N ALA D 227 -25.04 -18.91 2.39
CA ALA D 227 -25.73 -17.86 1.62
C ALA D 227 -26.68 -18.47 0.58
N LYS D 228 -26.39 -19.69 0.16
CA LYS D 228 -27.30 -20.48 -0.68
C LYS D 228 -28.64 -20.66 0.02
N GLU D 229 -28.58 -21.16 1.25
CA GLU D 229 -29.76 -21.43 2.06
C GLU D 229 -30.55 -20.15 2.35
N TYR D 230 -29.85 -19.02 2.48
CA TYR D 230 -30.54 -17.76 2.75
C TYR D 230 -31.42 -17.34 1.59
N PHE D 231 -30.90 -17.45 0.37
CA PHE D 231 -31.64 -17.02 -0.84
C PHE D 231 -32.83 -17.92 -1.13
N ARG D 232 -32.69 -19.21 -0.81
CA ARG D 232 -33.83 -20.12 -0.89
C ARG D 232 -34.92 -19.80 0.17
N ASP D 233 -34.51 -19.39 1.36
CA ASP D 233 -35.46 -18.98 2.41
C ASP D 233 -36.15 -17.66 2.08
N LEU D 234 -35.51 -16.84 1.23
CA LEU D 234 -36.17 -15.73 0.55
C LEU D 234 -36.82 -16.37 -0.68
N TYR D 235 -37.71 -15.66 -1.37
CA TYR D 235 -38.40 -16.20 -2.55
C TYR D 235 -39.55 -17.08 -2.08
N HIS D 236 -39.22 -18.19 -1.42
CA HIS D 236 -40.21 -19.02 -0.74
C HIS D 236 -40.81 -18.35 0.50
N ARG D 237 -40.24 -17.22 0.92
CA ARG D 237 -40.75 -16.47 2.08
C ARG D 237 -42.22 -16.08 1.91
N VAL D 238 -43.04 -16.44 2.91
CA VAL D 238 -44.49 -16.21 2.89
C VAL D 238 -44.85 -14.76 3.28
N ASP D 239 -46.10 -14.53 3.67
CA ASP D 239 -46.56 -13.22 4.17
C ASP D 239 -47.51 -13.39 5.34
N GLY E 2 7.70 -16.85 12.52
CA GLY E 2 7.86 -15.37 12.31
C GLY E 2 7.24 -14.55 13.43
N ARG E 3 8.03 -13.67 14.03
CA ARG E 3 7.58 -12.86 15.16
C ARG E 3 7.94 -11.39 14.99
N LYS E 4 7.28 -10.55 15.77
CA LYS E 4 7.56 -9.12 15.79
C LYS E 4 8.71 -8.83 16.74
N ARG E 5 9.52 -7.84 16.37
CA ARG E 5 10.55 -7.32 17.27
C ARG E 5 9.90 -6.59 18.43
N HIS E 6 10.69 -6.25 19.42
CA HIS E 6 10.21 -5.52 20.57
C HIS E 6 10.68 -4.11 20.61
N CYS E 7 11.85 -3.87 20.03
CA CYS E 7 12.47 -2.56 20.08
C CYS E 7 13.17 -2.33 18.76
N LYS E 8 13.39 -1.06 18.43
CA LYS E 8 13.99 -0.73 17.16
C LYS E 8 15.51 -0.65 17.23
N THR E 9 16.15 -0.33 16.12
CA THR E 9 17.58 -0.15 16.11
C THR E 9 18.17 0.42 14.79
N LYS E 10 18.34 1.74 14.75
CA LYS E 10 18.98 2.49 13.65
C LYS E 10 18.95 3.99 14.00
N HIS E 11 19.88 4.40 14.86
CA HIS E 11 19.66 5.50 15.79
C HIS E 11 20.05 6.92 15.40
N LEU E 12 19.44 7.86 16.12
CA LEU E 12 19.88 9.26 16.18
C LEU E 12 20.81 9.38 17.37
N GLY F 2 8.01 -10.65 39.07
CA GLY F 2 9.09 -9.70 38.65
C GLY F 2 9.95 -10.24 37.53
N ARG F 3 9.69 -9.76 36.31
CA ARG F 3 10.41 -10.21 35.13
C ARG F 3 11.28 -9.09 34.58
N LYS F 4 12.09 -9.41 33.59
CA LYS F 4 12.95 -8.42 32.96
C LYS F 4 12.40 -7.92 31.67
N ARG F 5 12.99 -6.85 31.18
CA ARG F 5 12.46 -6.17 30.05
C ARG F 5 13.02 -6.73 28.80
N HIS F 6 12.55 -6.23 27.67
CA HIS F 6 12.95 -6.75 26.39
C HIS F 6 13.71 -5.72 25.63
N CYS F 7 13.38 -4.46 25.88
CA CYS F 7 13.98 -3.35 25.17
C CYS F 7 14.08 -2.16 26.11
N LYS F 8 15.05 -1.29 25.86
CA LYS F 8 15.28 -0.15 26.73
C LYS F 8 14.47 1.04 26.23
N THR F 9 14.22 2.03 27.07
CA THR F 9 13.29 3.10 26.68
C THR F 9 13.56 4.38 27.49
N LYS F 10 14.09 5.41 26.83
CA LYS F 10 14.42 6.68 27.48
C LYS F 10 14.35 7.85 26.49
N GLY G 2 -39.31 -1.67 -28.33
CA GLY G 2 -39.56 -1.80 -29.80
C GLY G 2 -38.31 -1.66 -30.68
N ARG G 3 -37.18 -2.16 -30.17
CA ARG G 3 -35.91 -2.19 -30.92
C ARG G 3 -35.55 -3.64 -31.21
N LYS G 4 -34.39 -3.84 -31.81
CA LYS G 4 -33.90 -5.19 -32.09
C LYS G 4 -33.38 -5.81 -30.81
N ARG G 5 -33.16 -7.11 -30.86
CA ARG G 5 -32.58 -7.83 -29.73
C ARG G 5 -31.07 -7.73 -29.79
N HIS G 6 -30.43 -8.03 -28.68
CA HIS G 6 -28.97 -8.07 -28.62
C HIS G 6 -28.46 -9.50 -28.58
N CYS G 7 -29.37 -10.47 -28.42
CA CYS G 7 -28.97 -11.87 -28.29
C CYS G 7 -30.09 -12.83 -28.65
N LYS G 8 -29.69 -13.99 -29.16
CA LYS G 8 -30.64 -15.07 -29.45
C LYS G 8 -30.89 -15.92 -28.21
N THR G 9 -32.05 -16.58 -28.19
CA THR G 9 -32.45 -17.50 -27.12
C THR G 9 -33.44 -18.61 -27.61
N LYS G 10 -32.87 -19.73 -28.06
CA LYS G 10 -33.57 -21.02 -28.22
C LYS G 10 -32.55 -22.10 -28.62
N HIS G 11 -31.90 -22.73 -27.64
CA HIS G 11 -30.62 -23.41 -27.90
C HIS G 11 -30.16 -24.42 -26.85
N ARG H 1 -11.81 -16.97 -27.50
CA ARG H 1 -13.02 -16.47 -26.78
C ARG H 1 -12.76 -16.44 -25.26
N GLY H 2 -12.36 -15.28 -24.76
CA GLY H 2 -12.10 -15.10 -23.32
C GLY H 2 -12.50 -13.74 -22.77
N ARG H 3 -13.47 -13.10 -23.42
CA ARG H 3 -13.95 -11.78 -23.01
C ARG H 3 -15.17 -11.93 -22.11
N LYS H 4 -15.84 -10.81 -21.82
CA LYS H 4 -17.14 -10.84 -21.13
C LYS H 4 -18.24 -11.32 -22.07
N ARG H 5 -19.34 -11.80 -21.50
CA ARG H 5 -20.49 -12.18 -22.29
C ARG H 5 -21.27 -10.94 -22.66
N HIS H 6 -22.18 -11.09 -23.62
CA HIS H 6 -23.04 -10.00 -24.08
C HIS H 6 -24.43 -10.06 -23.47
N CYS H 7 -24.92 -11.26 -23.18
CA CYS H 7 -26.26 -11.46 -22.62
C CYS H 7 -26.30 -12.64 -21.68
N LYS H 8 -27.48 -12.89 -21.11
CA LYS H 8 -27.67 -13.99 -20.17
C LYS H 8 -28.41 -15.21 -20.76
N THR H 9 -28.34 -16.33 -20.04
CA THR H 9 -28.91 -17.61 -20.45
C THR H 9 -29.15 -18.55 -19.23
N LYS H 10 -30.24 -18.29 -18.50
CA LYS H 10 -30.81 -19.23 -17.51
C LYS H 10 -32.31 -18.92 -17.40
N HIS H 11 -32.96 -18.87 -18.56
CA HIS H 11 -34.28 -18.29 -18.69
C HIS H 11 -35.40 -19.11 -18.06
N LEU H 12 -36.54 -18.47 -17.88
CA LEU H 12 -37.78 -19.14 -17.47
C LEU H 12 -38.98 -18.25 -17.76
#